data_2GGL
#
_entry.id   2GGL
#
_cell.length_a   69.379
_cell.length_b   68.101
_cell.length_c   138.191
_cell.angle_alpha   90.00
_cell.angle_beta   96.09
_cell.angle_gamma   90.00
#
_symmetry.space_group_name_H-M   'P 1 21 1'
#
loop_
_entity.id
_entity.type
_entity.pdbx_description
1 polymer 'N-carbamoyl-D-amino acid amidohydrolase'
2 water water
#
_entity_poly.entity_id   1
_entity_poly.type   'polypeptide(L)'
_entity_poly.pdbx_seq_one_letter_code
;MTRQMILAVGQQGPIARAETREQVVGRLLDMLTNAASRGVNFIVFPELALTTFFPRWHFTDEAELDSFYETEMPGPVVRP
LFETAAELGIGFNLGYAELVVEGGVKRRFNTSILVDKSGKIVGKYRKIHLPGHKEYEAYRPFQHLEKRYFEPGDLGFPVY
DVDAAKMGMFICNDRRWPETWRVMGLKGAEIICGGYNTPTHNPPVPQHDHLTSFHHLLSMQCGSYQNGAWSAAAGKVGME
EGCMLLGHSCIVAPTGEIVALTTTLEDEVITAALDLDRCRELREHIFNFKAHRQPQHYGLIAEF
;
_entity_poly.pdbx_strand_id   A,B,C,D
#
# COMPACT_ATOMS: atom_id res chain seq x y z
N ARG A 3 -17.43 -0.74 26.23
CA ARG A 3 -16.05 -0.92 25.67
C ARG A 3 -16.03 -1.10 24.12
N GLN A 4 -17.21 -1.28 23.55
CA GLN A 4 -17.36 -1.47 22.12
C GLN A 4 -18.35 -0.49 21.58
N MET A 5 -18.09 0.00 20.37
CA MET A 5 -18.93 0.99 19.75
C MET A 5 -18.73 0.97 18.27
N ILE A 6 -19.66 1.59 17.57
CA ILE A 6 -19.51 1.80 16.16
C ILE A 6 -19.15 3.27 16.00
N LEU A 7 -18.06 3.52 15.30
CA LEU A 7 -17.60 4.86 15.03
C LEU A 7 -17.82 5.14 13.55
N ALA A 8 -18.17 6.38 13.22
CA ALA A 8 -18.46 6.76 11.86
C ALA A 8 -17.77 8.08 11.52
N VAL A 9 -17.46 8.22 10.25
CA VAL A 9 -16.97 9.46 9.67
C VAL A 9 -18.05 9.99 8.75
N GLY A 10 -18.42 11.25 8.95
CA GLY A 10 -19.39 11.94 8.11
C GLY A 10 -18.66 12.82 7.14
N GLN A 11 -18.33 12.28 5.99
CA GLN A 11 -17.58 13.05 5.01
C GLN A 11 -18.55 13.96 4.30
N GLN A 12 -18.07 15.16 3.94
CA GLN A 12 -18.87 16.14 3.23
C GLN A 12 -18.31 16.35 1.84
N GLY A 13 -19.24 16.52 0.89
CA GLY A 13 -18.91 17.05 -0.43
C GLY A 13 -18.78 18.55 -0.31
N PRO A 14 -18.44 19.22 -1.42
CA PRO A 14 -18.14 20.67 -1.39
C PRO A 14 -19.23 21.51 -0.75
N ILE A 15 -18.84 22.58 -0.06
CA ILE A 15 -19.81 23.58 0.39
C ILE A 15 -19.53 24.86 -0.36
N ALA A 16 -20.47 25.31 -1.20
CA ALA A 16 -20.20 26.50 -2.03
C ALA A 16 -20.31 27.79 -1.22
N ARG A 17 -19.69 28.86 -1.72
CA ARG A 17 -19.80 30.19 -1.10
C ARG A 17 -21.19 30.58 -0.60
N ALA A 18 -22.18 30.48 -1.49
CA ALA A 18 -23.52 31.00 -1.22
C ALA A 18 -24.44 30.00 -0.55
N GLU A 19 -23.93 28.81 -0.27
CA GLU A 19 -24.72 27.80 0.42
C GLU A 19 -24.81 28.26 1.87
N THR A 20 -25.94 28.00 2.52
CA THR A 20 -26.21 28.58 3.82
C THR A 20 -25.96 27.56 4.95
N ARG A 21 -25.74 28.05 6.17
CA ARG A 21 -25.43 27.16 7.27
C ARG A 21 -26.61 26.23 7.45
N GLU A 22 -27.79 26.70 7.08
CA GLU A 22 -29.00 25.91 7.26
C GLU A 22 -29.03 24.75 6.27
N GLN A 23 -28.49 24.96 5.09
CA GLN A 23 -28.42 23.91 4.09
C GLN A 23 -27.36 22.86 4.47
N VAL A 24 -26.21 23.35 4.95
CA VAL A 24 -25.12 22.51 5.45
C VAL A 24 -25.57 21.68 6.65
N VAL A 25 -26.29 22.31 7.58
CA VAL A 25 -26.79 21.59 8.76
C VAL A 25 -27.77 20.50 8.28
N GLY A 26 -28.50 20.83 7.22
CA GLY A 26 -29.42 19.90 6.58
C GLY A 26 -28.68 18.64 6.21
N ARG A 27 -27.65 18.81 5.37
CA ARG A 27 -26.73 17.71 4.99
C ARG A 27 -26.15 16.94 6.19
N LEU A 28 -25.60 17.67 7.14
CA LEU A 28 -25.12 17.04 8.37
C LEU A 28 -26.20 16.18 9.07
N LEU A 29 -27.45 16.64 9.05
CA LEU A 29 -28.55 15.89 9.72
C LEU A 29 -28.86 14.56 9.03
N ASP A 30 -28.94 14.58 7.71
CA ASP A 30 -29.11 13.37 6.90
C ASP A 30 -28.02 12.32 7.16
N MET A 31 -26.77 12.76 7.14
CA MET A 31 -25.64 11.86 7.36
C MET A 31 -25.76 11.21 8.73
N LEU A 32 -26.17 12.00 9.72
CA LEU A 32 -26.48 11.55 11.06
C LEU A 32 -27.63 10.53 11.03
N THR A 33 -28.61 10.80 10.19
CA THR A 33 -29.75 9.92 10.03
C THR A 33 -29.31 8.55 9.46
N ASN A 34 -28.51 8.58 8.40
CA ASN A 34 -27.96 7.37 7.83
C ASN A 34 -27.10 6.59 8.86
N ALA A 35 -26.50 7.31 9.79
CA ALA A 35 -25.55 6.73 10.71
C ALA A 35 -26.24 5.96 11.83
N ALA A 36 -27.28 6.52 12.40
CA ALA A 36 -28.11 5.79 13.39
C ALA A 36 -28.72 4.53 12.74
N SER A 37 -29.08 4.68 11.48
CA SER A 37 -29.38 3.59 10.57
C SER A 37 -28.52 2.37 10.88
N ARG A 38 -27.21 2.60 10.87
CA ARG A 38 -26.22 1.54 10.80
C ARG A 38 -25.54 1.36 12.14
N GLY A 39 -26.29 1.55 13.22
CA GLY A 39 -25.82 1.25 14.58
C GLY A 39 -24.79 2.19 15.19
N VAL A 40 -24.60 3.38 14.60
CA VAL A 40 -23.53 4.32 15.03
C VAL A 40 -23.72 4.94 16.43
N ASN A 41 -22.63 5.01 17.19
CA ASN A 41 -22.64 5.64 18.50
C ASN A 41 -21.95 7.00 18.48
N PHE A 42 -21.07 7.24 17.49
CA PHE A 42 -20.28 8.45 17.46
C PHE A 42 -19.84 8.81 16.05
N ILE A 43 -19.98 10.08 15.66
CA ILE A 43 -19.70 10.46 14.29
C ILE A 43 -18.71 11.62 14.15
N VAL A 44 -17.73 11.48 13.26
CA VAL A 44 -16.70 12.50 13.07
C VAL A 44 -17.01 13.37 11.83
N PHE A 45 -17.10 14.69 12.02
CA PHE A 45 -17.38 15.62 10.93
C PHE A 45 -16.14 16.41 10.58
N PRO A 46 -16.09 16.94 9.34
CA PRO A 46 -14.93 17.67 8.85
C PRO A 46 -14.49 18.92 9.61
N GLU A 47 -13.34 19.44 9.20
CA GLU A 47 -12.77 20.69 9.66
C GLU A 47 -13.61 21.81 9.06
N LEU A 48 -14.02 22.80 9.87
CA LEU A 48 -14.72 23.97 9.35
C LEU A 48 -15.92 23.50 8.55
N ALA A 49 -16.68 22.58 9.14
CA ALA A 49 -17.78 21.91 8.48
C ALA A 49 -18.97 22.82 8.13
N LEU A 50 -18.96 24.08 8.59
CA LEU A 50 -20.14 24.94 8.39
C LEU A 50 -20.09 25.93 7.24
N THR A 51 -18.99 25.96 6.50
CA THR A 51 -18.88 26.92 5.41
C THR A 51 -17.94 26.38 4.35
N THR A 52 -17.81 27.14 3.27
CA THR A 52 -16.81 26.92 2.25
C THR A 52 -15.41 27.09 2.89
N PHE A 53 -14.36 26.66 2.21
CA PHE A 53 -13.02 26.86 2.73
C PHE A 53 -12.53 28.30 2.49
N PHE A 54 -12.98 29.21 3.34
CA PHE A 54 -12.72 30.63 3.14
C PHE A 54 -11.25 31.10 3.09
N PRO A 55 -10.31 30.39 3.79
CA PRO A 55 -8.89 30.78 3.72
C PRO A 55 -8.32 30.72 2.30
N ARG A 56 -9.09 30.19 1.36
CA ARG A 56 -8.69 30.21 -0.03
C ARG A 56 -8.65 31.62 -0.60
N TRP A 57 -9.48 32.53 -0.07
CA TRP A 57 -9.48 33.91 -0.59
C TRP A 57 -8.84 34.93 0.34
N HIS A 58 -8.33 36.01 -0.27
CA HIS A 58 -7.82 37.15 0.49
C HIS A 58 -8.95 38.14 0.80
N PHE A 59 -9.26 38.36 2.06
CA PHE A 59 -10.36 39.26 2.44
C PHE A 59 -9.88 40.64 2.91
N THR A 60 -10.29 41.69 2.19
CA THR A 60 -9.97 43.06 2.58
C THR A 60 -11.05 43.65 3.49
N ASP A 61 -12.26 43.12 3.36
CA ASP A 61 -13.44 43.54 4.14
C ASP A 61 -13.49 42.70 5.41
N GLU A 62 -13.32 43.34 6.58
CA GLU A 62 -13.28 42.58 7.83
C GLU A 62 -14.62 41.92 8.20
N ALA A 63 -15.72 42.58 7.83
CA ALA A 63 -17.06 42.14 8.24
C ALA A 63 -17.45 40.87 7.53
N GLU A 64 -17.09 40.79 6.26
CA GLU A 64 -17.40 39.62 5.45
C GLU A 64 -16.52 38.42 5.83
N LEU A 65 -15.26 38.68 6.19
CA LEU A 65 -14.39 37.63 6.73
C LEU A 65 -14.99 37.10 8.03
N ASP A 66 -15.41 38.01 8.88
CA ASP A 66 -16.07 37.67 10.13
C ASP A 66 -17.30 36.80 9.95
N SER A 67 -17.99 36.96 8.83
CA SER A 67 -19.23 36.19 8.61
C SER A 67 -19.02 34.68 8.64
N PHE A 68 -17.82 34.21 8.30
CA PHE A 68 -17.57 32.77 8.25
C PHE A 68 -17.32 32.15 9.61
N TYR A 69 -17.52 32.91 10.69
CA TYR A 69 -17.13 32.42 12.01
C TYR A 69 -18.33 32.25 12.90
N GLU A 70 -18.21 31.42 13.93
CA GLU A 70 -19.28 31.28 14.88
C GLU A 70 -18.96 32.10 16.15
N THR A 71 -19.96 32.85 16.61
CA THR A 71 -19.80 33.66 17.81
C THR A 71 -20.39 32.87 18.96
N GLU A 72 -21.00 31.73 18.64
CA GLU A 72 -21.52 30.83 19.68
C GLU A 72 -21.69 29.39 19.20
N MET A 73 -21.66 28.45 20.14
CA MET A 73 -21.82 27.05 19.74
C MET A 73 -22.73 26.23 20.66
N PRO A 74 -23.91 25.82 20.17
CA PRO A 74 -24.45 26.16 18.86
C PRO A 74 -25.23 27.47 18.85
N GLY A 75 -25.28 28.08 17.67
CA GLY A 75 -26.20 29.19 17.43
C GLY A 75 -27.52 28.61 16.95
N PRO A 76 -28.45 29.47 16.50
CA PRO A 76 -29.82 29.10 16.08
C PRO A 76 -29.81 28.02 15.00
N VAL A 77 -29.11 28.27 13.90
CA VAL A 77 -29.01 27.35 12.77
C VAL A 77 -28.46 25.98 13.14
N VAL A 78 -27.54 25.94 14.11
CA VAL A 78 -26.79 24.72 14.42
C VAL A 78 -27.45 23.84 15.48
N ARG A 79 -28.25 24.45 16.35
CA ARG A 79 -28.91 23.75 17.44
C ARG A 79 -29.66 22.47 17.04
N PRO A 80 -30.32 22.48 15.87
CA PRO A 80 -31.02 21.25 15.49
C PRO A 80 -30.09 20.05 15.25
N LEU A 81 -28.88 20.29 14.74
CA LEU A 81 -27.88 19.22 14.62
C LEU A 81 -27.59 18.65 16.00
N PHE A 82 -27.45 19.55 16.98
CA PHE A 82 -27.28 19.16 18.36
C PHE A 82 -28.51 18.40 18.86
N GLU A 83 -29.68 19.04 18.77
CA GLU A 83 -30.90 18.47 19.34
C GLU A 83 -31.16 17.04 18.89
N THR A 84 -31.08 16.81 17.59
CA THR A 84 -31.22 15.48 17.04
C THR A 84 -30.29 14.51 17.78
N ALA A 85 -28.98 14.67 17.57
CA ALA A 85 -27.99 13.73 18.08
C ALA A 85 -28.13 13.43 19.57
N ALA A 86 -28.55 14.42 20.35
CA ALA A 86 -28.90 14.18 21.74
C ALA A 86 -30.07 13.20 21.93
N GLU A 87 -30.99 13.15 20.97
CA GLU A 87 -32.16 12.27 21.10
C GLU A 87 -31.84 10.89 20.53
N LEU A 88 -31.18 10.87 19.38
CA LEU A 88 -30.62 9.66 18.77
C LEU A 88 -29.47 9.05 19.58
N GLY A 89 -29.21 9.59 20.77
CA GLY A 89 -28.06 9.22 21.62
C GLY A 89 -26.72 9.09 20.90
N ILE A 90 -26.36 10.06 20.07
CA ILE A 90 -25.16 9.90 19.21
C ILE A 90 -24.14 11.04 19.27
N GLY A 91 -22.97 10.75 19.89
CA GLY A 91 -21.89 11.72 20.03
C GLY A 91 -21.33 12.16 18.69
N PHE A 92 -20.75 13.36 18.64
CA PHE A 92 -20.08 13.79 17.40
C PHE A 92 -18.86 14.66 17.61
N ASN A 93 -18.07 14.80 16.56
CA ASN A 93 -16.97 15.75 16.51
C ASN A 93 -17.31 16.75 15.44
N LEU A 94 -17.36 18.04 15.77
CA LEU A 94 -17.68 19.05 14.75
C LEU A 94 -16.59 20.09 14.70
N GLY A 95 -16.12 20.36 13.49
CA GLY A 95 -15.16 21.43 13.22
C GLY A 95 -15.82 22.67 12.66
N TYR A 96 -15.37 23.83 13.13
CA TYR A 96 -15.95 25.13 12.77
C TYR A 96 -14.96 26.25 13.10
N ALA A 97 -15.14 27.41 12.47
CA ALA A 97 -14.31 28.59 12.70
C ALA A 97 -14.86 29.37 13.89
N GLU A 98 -13.99 29.71 14.84
CA GLU A 98 -14.42 30.26 16.13
C GLU A 98 -13.95 31.70 16.28
N LEU A 99 -14.87 32.56 16.71
CA LEU A 99 -14.53 33.95 16.97
C LEU A 99 -14.84 34.27 18.42
N VAL A 100 -13.84 34.73 19.15
CA VAL A 100 -14.05 35.07 20.57
C VAL A 100 -13.31 36.35 20.95
N VAL A 101 -13.98 37.20 21.72
CA VAL A 101 -13.38 38.45 22.18
C VAL A 101 -13.00 38.28 23.66
N GLU A 102 -11.72 38.53 23.96
CA GLU A 102 -11.20 38.43 25.32
C GLU A 102 -10.30 39.61 25.60
N GLY A 103 -10.62 40.39 26.64
CA GLY A 103 -9.74 41.47 27.08
C GLY A 103 -9.25 42.36 25.95
N GLY A 104 -10.16 42.79 25.09
CA GLY A 104 -9.82 43.73 24.05
C GLY A 104 -9.35 43.10 22.76
N VAL A 105 -9.20 41.77 22.75
CA VAL A 105 -8.67 41.05 21.58
C VAL A 105 -9.73 40.24 20.85
N LYS A 106 -9.70 40.32 19.53
CA LYS A 106 -10.60 39.56 18.71
C LYS A 106 -9.81 38.35 18.24
N ARG A 107 -10.07 37.21 18.88
CA ARG A 107 -9.34 35.99 18.61
C ARG A 107 -10.06 35.10 17.63
N ARG A 108 -9.30 34.57 16.69
CA ARG A 108 -9.80 33.71 15.62
C ARG A 108 -9.13 32.34 15.69
N PHE A 109 -9.93 31.27 15.82
CA PHE A 109 -9.38 29.92 15.99
C PHE A 109 -10.02 28.96 14.99
N ASN A 110 -9.25 27.96 14.58
CA ASN A 110 -9.76 26.85 13.78
C ASN A 110 -10.05 25.78 14.83
N THR A 111 -11.34 25.53 15.03
CA THR A 111 -11.80 24.85 16.25
C THR A 111 -12.55 23.54 15.99
N SER A 112 -12.45 22.62 16.95
CA SER A 112 -13.33 21.47 16.95
C SER A 112 -13.73 21.14 18.36
N ILE A 113 -14.87 20.47 18.47
CA ILE A 113 -15.44 20.12 19.76
C ILE A 113 -15.90 18.69 19.77
N LEU A 114 -15.76 18.04 20.92
CA LEU A 114 -16.36 16.76 21.17
C LEU A 114 -17.70 16.95 21.92
N VAL A 115 -18.79 16.45 21.33
CA VAL A 115 -20.09 16.38 22.00
C VAL A 115 -20.44 14.93 22.34
N ASP A 116 -20.92 14.67 23.56
CA ASP A 116 -21.24 13.30 23.96
C ASP A 116 -22.66 12.80 23.64
N LYS A 117 -22.99 11.62 24.17
CA LYS A 117 -24.29 10.94 23.99
C LYS A 117 -25.44 11.78 24.53
N SER A 118 -25.30 12.21 25.79
CA SER A 118 -26.25 13.12 26.41
C SER A 118 -26.14 14.55 25.92
N GLY A 119 -25.79 14.73 24.65
CA GLY A 119 -25.72 16.04 24.00
C GLY A 119 -24.79 17.11 24.59
N LYS A 120 -24.00 16.74 25.60
CA LYS A 120 -23.14 17.71 26.28
C LYS A 120 -21.74 17.88 25.66
N ILE A 121 -21.41 19.11 25.22
CA ILE A 121 -20.05 19.46 24.81
C ILE A 121 -19.08 19.13 25.94
N VAL A 122 -18.20 18.15 25.70
CA VAL A 122 -17.30 17.66 26.72
C VAL A 122 -15.89 18.23 26.60
N GLY A 123 -15.49 18.63 25.39
CA GLY A 123 -14.16 19.18 25.18
C GLY A 123 -13.98 19.95 23.90
N LYS A 124 -13.07 20.92 23.95
CA LYS A 124 -12.68 21.73 22.80
C LYS A 124 -11.17 21.54 22.48
N TYR A 125 -10.81 21.77 21.21
CA TYR A 125 -9.42 21.82 20.75
C TYR A 125 -9.32 22.90 19.71
N ARG A 126 -8.21 23.62 19.72
CA ARG A 126 -7.96 24.68 18.74
C ARG A 126 -6.65 24.39 18.00
N LYS A 127 -6.73 24.41 16.67
CA LYS A 127 -5.70 23.92 15.78
C LYS A 127 -4.36 24.57 16.06
N ILE A 128 -3.40 23.72 16.44
CA ILE A 128 -2.08 24.19 16.78
C ILE A 128 -1.16 24.45 15.57
N HIS A 129 -1.12 23.53 14.61
CA HIS A 129 -0.25 23.69 13.42
C HIS A 129 -1.00 24.29 12.24
N LEU A 130 -0.80 25.57 11.97
CA LEU A 130 -1.47 26.19 10.84
C LEU A 130 -0.60 26.16 9.58
N PRO A 131 -1.10 25.53 8.51
CA PRO A 131 -0.35 25.43 7.26
C PRO A 131 -0.57 26.69 6.42
N GLY A 132 0.02 26.73 5.23
CA GLY A 132 -0.12 27.86 4.36
C GLY A 132 0.75 29.04 4.79
N HIS A 133 0.24 30.25 4.56
CA HIS A 133 1.03 31.48 4.63
C HIS A 133 0.24 32.63 5.28
N LYS A 134 0.91 33.75 5.52
CA LYS A 134 0.36 34.88 6.30
C LYS A 134 -0.19 36.01 5.43
N GLU A 135 0.56 36.35 4.38
CA GLU A 135 0.18 37.43 3.49
C GLU A 135 -0.07 36.92 2.08
N TYR A 136 -0.84 37.69 1.30
CA TYR A 136 -1.22 37.34 -0.08
C TYR A 136 -0.02 36.98 -0.98
N GLU A 137 -0.13 35.89 -1.72
CA GLU A 137 0.97 35.44 -2.57
C GLU A 137 0.56 35.29 -4.05
N ALA A 138 1.00 36.24 -4.87
CA ALA A 138 0.50 36.32 -6.26
C ALA A 138 0.89 35.09 -7.07
N TYR A 139 2.06 34.53 -6.75
CA TYR A 139 2.57 33.33 -7.42
C TYR A 139 1.71 32.09 -7.18
N ARG A 140 0.72 32.19 -6.28
CA ARG A 140 -0.21 31.07 -6.00
C ARG A 140 -1.54 31.22 -6.76
N PRO A 141 -2.00 30.15 -7.43
CA PRO A 141 -3.27 30.17 -8.17
C PRO A 141 -4.48 30.35 -7.26
N PHE A 142 -4.39 29.78 -6.06
CA PHE A 142 -5.40 29.99 -5.02
C PHE A 142 -4.66 30.14 -3.70
N GLN A 143 -5.20 30.94 -2.78
CA GLN A 143 -4.49 31.27 -1.56
C GLN A 143 -4.60 30.18 -0.48
N HIS A 144 -3.75 30.21 0.55
CA HIS A 144 -3.99 29.39 1.75
C HIS A 144 -3.64 30.16 3.05
N LEU A 145 -4.58 31.00 3.48
CA LEU A 145 -4.28 32.06 4.45
C LEU A 145 -4.68 31.70 5.89
N GLU A 146 -4.56 30.41 6.23
CA GLU A 146 -4.86 29.93 7.56
C GLU A 146 -4.06 30.64 8.66
N LYS A 147 -2.78 30.88 8.39
CA LYS A 147 -1.92 31.66 9.29
C LYS A 147 -2.40 33.08 9.46
N ARG A 148 -3.10 33.61 8.45
CA ARG A 148 -3.68 34.96 8.56
C ARG A 148 -5.00 34.94 9.32
N TYR A 149 -5.88 33.99 9.02
CA TYR A 149 -7.24 34.02 9.56
C TYR A 149 -7.40 33.32 10.91
N PHE A 150 -6.36 32.62 11.37
CA PHE A 150 -6.39 31.96 12.66
C PHE A 150 -5.08 32.19 13.38
N GLU A 151 -5.13 32.17 14.70
CA GLU A 151 -3.93 32.04 15.51
C GLU A 151 -3.82 30.62 16.08
N PRO A 152 -2.58 30.13 16.31
CA PRO A 152 -2.39 28.77 16.84
C PRO A 152 -3.16 28.47 18.16
N GLY A 153 -3.72 27.27 18.29
CA GLY A 153 -4.65 27.03 19.38
C GLY A 153 -4.00 27.24 20.73
N ASP A 154 -4.79 27.57 21.75
CA ASP A 154 -4.24 27.84 23.07
C ASP A 154 -4.60 26.74 24.08
N LEU A 155 -4.98 25.56 23.61
CA LEU A 155 -5.39 24.52 24.56
C LEU A 155 -4.41 23.34 24.69
N GLY A 156 -3.33 23.36 23.90
CA GLY A 156 -2.45 22.20 23.82
C GLY A 156 -3.20 21.08 23.12
N PHE A 157 -2.85 19.83 23.41
CA PHE A 157 -3.53 18.68 22.81
C PHE A 157 -4.19 17.85 23.92
N PRO A 158 -5.41 18.27 24.34
CA PRO A 158 -6.14 17.61 25.43
C PRO A 158 -6.69 16.23 25.05
N VAL A 159 -6.90 15.39 26.05
CA VAL A 159 -7.61 14.14 25.84
C VAL A 159 -8.82 14.20 26.78
N TYR A 160 -10.00 13.85 26.28
CA TYR A 160 -11.22 13.94 27.09
C TYR A 160 -11.92 12.59 27.17
N ASP A 161 -12.48 12.28 28.33
CA ASP A 161 -13.47 11.20 28.44
C ASP A 161 -14.75 11.59 27.71
N VAL A 162 -15.08 10.90 26.63
CA VAL A 162 -16.39 11.04 26.01
C VAL A 162 -17.14 9.74 26.16
N ASP A 163 -18.11 9.73 27.08
CA ASP A 163 -18.84 8.53 27.43
C ASP A 163 -17.84 7.51 27.97
N ALA A 164 -17.65 6.40 27.29
CA ALA A 164 -16.70 5.43 27.83
C ALA A 164 -15.26 5.52 27.22
N ALA A 165 -15.10 6.35 26.20
CA ALA A 165 -13.84 6.40 25.46
C ALA A 165 -13.02 7.66 25.75
N LYS A 166 -11.70 7.49 25.94
CA LYS A 166 -10.77 8.62 26.00
C LYS A 166 -10.48 9.05 24.58
N MET A 167 -10.95 10.26 24.24
CA MET A 167 -10.81 10.80 22.88
C MET A 167 -9.92 12.07 22.76
N GLY A 168 -9.04 12.08 21.78
CA GLY A 168 -8.31 13.29 21.46
C GLY A 168 -8.67 13.79 20.08
N MET A 169 -8.62 15.10 19.90
CA MET A 169 -8.82 15.72 18.61
C MET A 169 -7.53 16.22 17.93
N PHE A 170 -7.52 16.14 16.60
CA PHE A 170 -6.61 16.90 15.74
C PHE A 170 -7.45 17.65 14.70
N ILE A 171 -6.80 18.56 13.98
CA ILE A 171 -7.46 19.20 12.86
C ILE A 171 -6.49 19.23 11.74
N CYS A 172 -6.86 18.58 10.64
CA CYS A 172 -6.16 18.69 9.36
C CYS A 172 -4.61 18.53 9.46
N ASN A 173 -3.88 19.60 9.18
CA ASN A 173 -2.42 19.55 9.11
C ASN A 173 -1.78 18.89 10.37
N ASP A 174 -2.45 19.02 11.50
CA ASP A 174 -2.03 18.40 12.76
C ASP A 174 -1.65 16.92 12.59
N ARG A 175 -2.44 16.22 11.75
CA ARG A 175 -2.28 14.80 11.60
C ARG A 175 -0.88 14.40 11.04
N ARG A 176 -0.18 15.38 10.48
CA ARG A 176 1.10 15.14 9.79
C ARG A 176 2.29 15.36 10.73
N TRP A 177 1.99 15.58 12.01
CA TRP A 177 2.99 15.93 13.01
C TRP A 177 2.97 14.85 14.07
N PRO A 178 4.04 14.04 14.17
CA PRO A 178 4.06 12.97 15.18
C PRO A 178 3.80 13.46 16.60
N GLU A 179 4.18 14.70 16.87
CA GLU A 179 4.02 15.34 18.18
C GLU A 179 2.53 15.50 18.58
N THR A 180 1.67 15.82 17.60
CA THR A 180 0.24 15.79 17.80
C THR A 180 -0.18 14.44 18.42
N TRP A 181 0.13 13.38 17.70
CA TRP A 181 -0.25 12.04 18.09
C TRP A 181 0.39 11.64 19.42
N ARG A 182 1.69 11.83 19.54
CA ARG A 182 2.40 11.41 20.74
C ARG A 182 1.90 12.06 22.04
N VAL A 183 1.76 13.38 22.08
CA VAL A 183 1.19 14.02 23.24
C VAL A 183 -0.15 13.39 23.66
N MET A 184 -1.02 13.07 22.71
CA MET A 184 -2.30 12.45 23.06
C MET A 184 -2.16 10.97 23.43
N GLY A 185 -1.26 10.27 22.76
CA GLY A 185 -0.97 8.86 23.08
C GLY A 185 -0.43 8.75 24.50
N LEU A 186 0.41 9.71 24.88
CA LEU A 186 0.93 9.73 26.23
C LEU A 186 -0.18 9.96 27.27
N LYS A 187 -1.28 10.57 26.84
CA LYS A 187 -2.44 10.82 27.71
C LYS A 187 -3.48 9.70 27.63
N GLY A 188 -3.15 8.61 26.93
CA GLY A 188 -4.02 7.42 26.93
C GLY A 188 -5.21 7.48 26.00
N ALA A 189 -5.16 8.34 24.99
CA ALA A 189 -6.24 8.41 23.99
C ALA A 189 -6.44 7.04 23.37
N GLU A 190 -7.69 6.61 23.28
CA GLU A 190 -8.04 5.37 22.61
C GLU A 190 -8.58 5.65 21.20
N ILE A 191 -9.06 6.86 21.00
CA ILE A 191 -9.50 7.31 19.68
C ILE A 191 -8.96 8.71 19.45
N ILE A 192 -8.32 8.91 18.31
CA ILE A 192 -7.87 10.23 17.92
C ILE A 192 -8.59 10.58 16.64
N CYS A 193 -9.34 11.68 16.64
CA CYS A 193 -10.22 11.98 15.50
C CYS A 193 -10.25 13.44 15.09
N GLY A 194 -10.66 13.68 13.85
CA GLY A 194 -10.69 15.04 13.33
C GLY A 194 -11.01 15.12 11.85
N GLY A 195 -10.96 16.33 11.32
CA GLY A 195 -11.34 16.54 9.94
C GLY A 195 -10.25 17.23 9.17
N TYR A 196 -10.51 17.54 7.91
CA TYR A 196 -9.49 18.18 7.07
C TYR A 196 -10.09 18.72 5.82
N ASN A 197 -9.48 19.81 5.34
CA ASN A 197 -9.65 20.27 3.99
C ASN A 197 -8.28 20.15 3.30
N THR A 198 -8.09 19.10 2.50
CA THR A 198 -6.80 18.88 1.85
C THR A 198 -6.88 18.99 0.34
N PRO A 199 -6.35 20.10 -0.22
CA PRO A 199 -6.29 20.24 -1.68
C PRO A 199 -5.40 19.16 -2.29
N THR A 200 -5.70 18.74 -3.53
CA THR A 200 -4.80 17.82 -4.25
C THR A 200 -3.76 18.56 -5.11
N HIS A 201 -3.75 19.89 -5.04
CA HIS A 201 -2.70 20.61 -5.68
C HIS A 201 -1.98 21.43 -4.63
N ASN A 202 -0.66 21.40 -4.65
CA ASN A 202 0.11 22.23 -3.74
C ASN A 202 1.06 23.12 -4.52
N PRO A 203 0.70 24.39 -4.64
CA PRO A 203 1.38 25.37 -5.52
C PRO A 203 2.91 25.44 -5.39
N PRO A 204 3.45 25.47 -4.15
CA PRO A 204 4.92 25.43 -3.93
C PRO A 204 5.65 24.11 -4.26
N VAL A 205 5.04 22.96 -3.94
CA VAL A 205 5.64 21.66 -4.25
C VAL A 205 4.65 20.78 -5.06
N PRO A 206 4.34 21.19 -6.31
CA PRO A 206 3.41 20.44 -7.16
C PRO A 206 3.93 19.08 -7.59
N GLN A 207 5.24 18.82 -7.43
CA GLN A 207 5.75 17.48 -7.70
C GLN A 207 5.28 16.48 -6.63
N HIS A 208 4.55 16.94 -5.63
CA HIS A 208 3.98 16.02 -4.65
C HIS A 208 2.51 15.81 -4.79
N ASP A 209 1.89 16.43 -5.79
CA ASP A 209 0.43 16.41 -5.96
C ASP A 209 -0.14 15.00 -6.06
N HIS A 210 0.58 14.13 -6.77
CA HIS A 210 0.11 12.79 -6.98
C HIS A 210 0.27 11.90 -5.73
N LEU A 211 0.83 12.43 -4.63
CA LEU A 211 1.00 11.71 -3.34
C LEU A 211 -0.01 12.11 -2.26
N THR A 212 -1.01 12.89 -2.64
CA THR A 212 -1.86 13.50 -1.66
C THR A 212 -2.55 12.45 -0.79
N SER A 213 -3.22 11.50 -1.44
CA SER A 213 -3.75 10.34 -0.76
C SER A 213 -2.69 9.61 0.06
N PHE A 214 -1.58 9.29 -0.57
CA PHE A 214 -0.49 8.60 0.08
C PHE A 214 -0.02 9.26 1.41
N HIS A 215 0.35 10.54 1.34
CA HIS A 215 0.77 11.32 2.52
C HIS A 215 -0.32 11.43 3.59
N HIS A 216 -1.58 11.54 3.17
CA HIS A 216 -2.72 11.59 4.10
C HIS A 216 -2.90 10.27 4.86
N LEU A 217 -3.07 9.18 4.10
CA LEU A 217 -3.23 7.85 4.67
C LEU A 217 -1.99 7.35 5.43
N LEU A 218 -0.79 7.64 4.93
CA LEU A 218 0.45 7.29 5.61
C LEU A 218 0.44 7.86 7.02
N SER A 219 0.18 9.16 7.11
CA SER A 219 0.09 9.86 8.38
C SER A 219 -0.88 9.24 9.39
N MET A 220 -2.07 8.85 8.90
CA MET A 220 -3.12 8.27 9.75
C MET A 220 -2.74 6.88 10.22
N GLN A 221 -2.43 6.01 9.26
CA GLN A 221 -2.00 4.66 9.60
C GLN A 221 -0.84 4.59 10.59
N CYS A 222 0.14 5.46 10.41
CA CYS A 222 1.34 5.40 11.23
C CYS A 222 1.17 6.01 12.61
N GLY A 223 0.46 7.13 12.67
CA GLY A 223 0.15 7.75 13.94
C GLY A 223 -0.64 6.79 14.80
N SER A 224 -1.57 6.08 14.18
CA SER A 224 -2.42 5.12 14.90
C SER A 224 -1.63 3.97 15.50
N TYR A 225 -0.78 3.38 14.66
CA TYR A 225 0.06 2.23 15.01
C TYR A 225 1.01 2.57 16.15
N GLN A 226 1.80 3.61 15.96
CA GLN A 226 2.88 3.93 16.90
C GLN A 226 2.36 4.45 18.25
N ASN A 227 1.05 4.67 18.32
CA ASN A 227 0.41 5.10 19.55
C ASN A 227 -0.68 4.13 20.03
N GLY A 228 -0.91 3.04 19.29
CA GLY A 228 -1.95 2.11 19.68
C GLY A 228 -3.34 2.75 19.74
N ALA A 229 -3.60 3.78 18.93
CA ALA A 229 -4.87 4.46 18.96
C ALA A 229 -5.74 4.18 17.73
N TRP A 230 -7.05 4.04 17.96
CA TRP A 230 -8.00 4.08 16.86
C TRP A 230 -7.98 5.50 16.35
N SER A 231 -8.25 5.69 15.07
CA SER A 231 -8.40 7.06 14.59
C SER A 231 -9.42 7.15 13.47
N ALA A 232 -9.86 8.38 13.20
CA ALA A 232 -10.84 8.65 12.17
C ALA A 232 -10.52 10.02 11.57
N ALA A 233 -10.59 10.13 10.25
CA ALA A 233 -10.32 11.40 9.57
C ALA A 233 -11.47 11.73 8.65
N ALA A 234 -12.17 12.84 8.92
CA ALA A 234 -13.38 13.24 8.17
C ALA A 234 -13.06 14.36 7.22
N GLY A 235 -13.19 14.09 5.94
CA GLY A 235 -12.75 15.05 4.95
C GLY A 235 -13.89 15.93 4.48
N LYS A 236 -13.58 17.17 4.04
CA LYS A 236 -14.53 17.85 3.19
C LYS A 236 -13.89 17.85 1.84
N VAL A 237 -14.63 17.36 0.85
CA VAL A 237 -13.97 16.83 -0.36
C VAL A 237 -14.57 17.30 -1.68
N GLY A 238 -13.90 16.97 -2.77
CA GLY A 238 -14.41 17.30 -4.08
C GLY A 238 -14.06 18.69 -4.56
N MET A 239 -14.70 19.09 -5.66
CA MET A 239 -14.44 20.38 -6.27
C MET A 239 -15.24 21.47 -5.57
N GLU A 240 -14.54 22.32 -4.82
CA GLU A 240 -15.18 23.38 -4.07
C GLU A 240 -14.65 24.74 -4.51
N GLU A 241 -15.51 25.53 -5.17
CA GLU A 241 -15.10 26.85 -5.66
C GLU A 241 -13.87 26.82 -6.55
N GLY A 242 -13.83 25.87 -7.50
CA GLY A 242 -12.72 25.77 -8.45
C GLY A 242 -11.44 25.07 -7.98
N CYS A 243 -11.45 24.57 -6.75
CA CYS A 243 -10.28 23.89 -6.17
C CYS A 243 -10.65 22.48 -5.68
N MET A 244 -9.90 21.47 -6.14
CA MET A 244 -10.23 20.09 -5.78
C MET A 244 -9.69 19.67 -4.39
N LEU A 245 -10.58 19.21 -3.53
CA LEU A 245 -10.24 18.75 -2.19
C LEU A 245 -10.17 17.21 -2.13
N LEU A 246 -9.16 16.70 -1.42
CA LEU A 246 -8.88 15.27 -1.34
C LEU A 246 -9.99 14.46 -0.69
N GLY A 247 -10.29 13.31 -1.29
CA GLY A 247 -11.24 12.38 -0.70
C GLY A 247 -10.59 11.50 0.36
N HIS A 248 -11.04 10.25 0.44
CA HIS A 248 -10.40 9.23 1.27
C HIS A 248 -10.52 9.49 2.76
N SER A 249 -11.67 9.96 3.24
CA SER A 249 -11.91 9.87 4.69
C SER A 249 -11.74 8.40 5.11
N CYS A 250 -11.41 8.17 6.38
CA CYS A 250 -11.02 6.84 6.88
C CYS A 250 -11.27 6.63 8.37
N ILE A 251 -11.41 5.36 8.75
CA ILE A 251 -11.31 4.95 10.13
C ILE A 251 -10.16 3.94 10.18
N VAL A 252 -9.33 4.02 11.23
CA VAL A 252 -8.09 3.23 11.33
C VAL A 252 -7.96 2.52 12.70
N ALA A 253 -7.37 1.33 12.69
CA ALA A 253 -7.28 0.50 13.89
C ALA A 253 -5.98 0.86 14.56
N PRO A 254 -5.77 0.44 15.83
CA PRO A 254 -4.49 0.71 16.50
C PRO A 254 -3.28 0.04 15.88
N THR A 255 -3.51 -0.89 14.98
CA THR A 255 -2.43 -1.58 14.30
C THR A 255 -2.05 -0.82 13.04
N GLY A 256 -2.83 0.19 12.68
CA GLY A 256 -2.51 1.06 11.53
C GLY A 256 -3.21 0.63 10.25
N GLU A 257 -4.04 -0.40 10.36
CA GLU A 257 -4.88 -0.88 9.27
C GLU A 257 -6.10 0.02 9.05
N ILE A 258 -6.32 0.48 7.81
CA ILE A 258 -7.54 1.19 7.47
C ILE A 258 -8.71 0.20 7.44
N VAL A 259 -9.70 0.44 8.28
CA VAL A 259 -10.83 -0.47 8.43
C VAL A 259 -12.09 0.07 7.76
N ALA A 260 -11.99 1.29 7.23
CA ALA A 260 -13.10 1.98 6.60
C ALA A 260 -12.62 3.16 5.75
N LEU A 261 -13.03 3.21 4.49
CA LEU A 261 -12.54 4.25 3.62
C LEU A 261 -13.68 4.69 2.71
N THR A 262 -13.75 5.98 2.39
CA THR A 262 -14.80 6.46 1.49
C THR A 262 -14.31 6.38 0.06
N THR A 263 -15.24 6.28 -0.88
CA THR A 263 -14.90 6.19 -2.30
C THR A 263 -15.53 7.27 -3.17
N THR A 264 -16.62 7.90 -2.71
CA THR A 264 -17.24 9.02 -3.44
C THR A 264 -16.60 10.37 -3.09
N LEU A 265 -16.71 11.36 -3.97
CA LEU A 265 -16.29 12.71 -3.59
C LEU A 265 -17.50 13.51 -3.07
N GLU A 266 -18.37 12.83 -2.31
CA GLU A 266 -19.60 13.45 -1.84
C GLU A 266 -19.93 13.13 -0.38
N ASP A 267 -21.03 13.70 0.09
CA ASP A 267 -21.54 13.41 1.43
C ASP A 267 -21.61 11.91 1.53
N GLU A 268 -20.94 11.36 2.53
CA GLU A 268 -20.79 9.92 2.63
C GLU A 268 -20.46 9.52 4.05
N VAL A 269 -21.22 8.56 4.55
CA VAL A 269 -20.98 8.00 5.84
C VAL A 269 -20.31 6.63 5.71
N ILE A 270 -19.20 6.46 6.43
CA ILE A 270 -18.53 5.14 6.54
C ILE A 270 -18.55 4.79 8.01
N THR A 271 -18.50 3.50 8.33
CA THR A 271 -18.54 3.12 9.75
C THR A 271 -17.66 1.92 10.08
N ALA A 272 -17.33 1.76 11.34
CA ALA A 272 -16.56 0.61 11.80
C ALA A 272 -16.80 0.35 13.28
N ALA A 273 -16.81 -0.93 13.63
CA ALA A 273 -16.80 -1.36 15.02
C ALA A 273 -15.45 -1.09 15.70
N LEU A 274 -15.47 -0.41 16.84
CA LEU A 274 -14.27 -0.22 17.65
C LEU A 274 -14.40 -0.94 18.95
N ASP A 275 -13.33 -1.64 19.29
CA ASP A 275 -13.15 -2.24 20.58
C ASP A 275 -11.99 -1.50 21.24
N LEU A 276 -12.29 -0.78 22.31
CA LEU A 276 -11.33 0.09 22.97
C LEU A 276 -10.16 -0.68 23.58
N ASP A 277 -10.37 -1.98 23.82
CA ASP A 277 -9.32 -2.82 24.39
C ASP A 277 -8.24 -3.25 23.41
N ARG A 278 -8.46 -3.04 22.12
CA ARG A 278 -7.49 -3.50 21.12
C ARG A 278 -6.23 -2.65 21.21
N CYS A 279 -6.39 -1.49 21.82
CA CYS A 279 -5.28 -0.60 22.08
C CYS A 279 -4.18 -1.32 22.86
N ARG A 280 -4.59 -2.23 23.75
CA ARG A 280 -3.68 -2.99 24.59
C ARG A 280 -2.70 -3.88 23.80
N GLU A 281 -3.09 -4.31 22.60
CA GLU A 281 -2.20 -5.17 21.78
C GLU A 281 -0.89 -4.46 21.41
N LEU A 282 -0.96 -3.13 21.35
CA LEU A 282 0.20 -2.29 21.10
C LEU A 282 0.78 -1.74 22.41
N ARG A 283 -0.10 -1.20 23.24
CA ARG A 283 0.31 -0.40 24.40
C ARG A 283 0.77 -1.20 25.61
N GLU A 284 0.41 -2.49 25.67
CA GLU A 284 0.89 -3.35 26.74
C GLU A 284 2.07 -4.19 26.24
N HIS A 285 2.37 -4.08 24.96
CA HIS A 285 3.37 -4.93 24.37
C HIS A 285 4.51 -4.15 23.70
N ILE A 286 4.55 -4.13 22.36
CA ILE A 286 5.63 -3.44 21.65
C ILE A 286 5.75 -1.93 21.96
N PHE A 287 4.62 -1.29 22.21
CA PHE A 287 4.59 0.11 22.53
C PHE A 287 4.14 0.36 23.96
N ASN A 288 4.67 -0.43 24.88
CA ASN A 288 4.54 -0.15 26.29
C ASN A 288 5.46 1.00 26.68
N PHE A 289 4.90 2.20 26.74
CA PHE A 289 5.70 3.39 26.96
C PHE A 289 6.58 3.27 28.21
N LYS A 290 5.99 2.87 29.34
CA LYS A 290 6.74 2.65 30.57
C LYS A 290 7.94 1.71 30.41
N ALA A 291 7.73 0.54 29.80
CA ALA A 291 8.80 -0.42 29.61
C ALA A 291 9.93 0.09 28.71
N HIS A 292 9.56 0.81 27.64
CA HIS A 292 10.48 0.99 26.52
C HIS A 292 10.94 2.42 26.25
N ARG A 293 10.15 3.43 26.60
CA ARG A 293 10.50 4.80 26.21
C ARG A 293 11.68 5.26 27.03
N GLN A 294 12.50 6.14 26.47
CA GLN A 294 13.72 6.66 27.13
C GLN A 294 13.82 8.18 27.02
N PRO A 295 12.94 8.89 27.73
CA PRO A 295 12.71 10.31 27.49
C PRO A 295 13.87 11.27 27.82
N GLN A 296 14.90 10.74 28.48
CA GLN A 296 16.08 11.53 28.71
C GLN A 296 16.78 11.79 27.39
N HIS A 297 16.50 10.99 26.36
CA HIS A 297 17.13 11.25 25.06
C HIS A 297 16.27 12.06 24.07
N TYR A 298 15.05 12.40 24.48
CA TYR A 298 14.09 13.12 23.62
C TYR A 298 14.01 14.63 23.85
N GLY A 299 14.80 15.16 24.76
CA GLY A 299 14.64 16.59 25.13
C GLY A 299 14.55 17.59 24.00
N LEU A 300 15.24 17.34 22.90
CA LEU A 300 15.34 18.33 21.82
C LEU A 300 13.98 18.64 21.15
N ILE A 301 13.07 17.66 21.23
CA ILE A 301 11.74 17.76 20.67
C ILE A 301 10.93 18.83 21.42
N ALA A 302 11.22 18.98 22.71
CA ALA A 302 10.52 19.92 23.56
C ALA A 302 11.23 21.29 23.66
N GLU A 303 12.36 21.44 22.99
CA GLU A 303 13.11 22.69 23.04
C GLU A 303 12.57 23.81 22.16
N PHE A 304 12.48 25.00 22.74
CA PHE A 304 12.06 26.21 22.06
C PHE A 304 12.70 27.41 22.75
N ARG B 3 26.50 16.81 -3.45
CA ARG B 3 25.05 16.71 -3.05
C ARG B 3 24.39 15.46 -3.62
N GLN B 4 25.10 14.77 -4.50
CA GLN B 4 24.55 13.58 -5.12
C GLN B 4 25.32 12.35 -4.64
N MET B 5 24.73 11.17 -4.77
CA MET B 5 25.41 9.93 -4.36
C MET B 5 24.52 8.72 -4.57
N ILE B 6 25.13 7.56 -4.47
CA ILE B 6 24.40 6.31 -4.59
C ILE B 6 24.53 5.65 -3.23
N LEU B 7 23.39 5.25 -2.68
CA LEU B 7 23.33 4.65 -1.35
C LEU B 7 23.00 3.23 -1.63
N ALA B 8 23.63 2.29 -0.92
CA ALA B 8 23.20 0.88 -0.98
C ALA B 8 22.89 0.30 0.38
N VAL B 9 22.09 -0.75 0.34
CA VAL B 9 21.80 -1.59 1.48
C VAL B 9 22.37 -2.96 1.14
N GLY B 10 23.26 -3.46 1.98
CA GLY B 10 23.72 -4.84 1.91
C GLY B 10 22.95 -5.67 2.92
N GLN B 11 21.87 -6.32 2.47
CA GLN B 11 21.10 -7.23 3.28
C GLN B 11 21.86 -8.53 3.49
N GLN B 12 21.69 -9.15 4.67
CA GLN B 12 22.28 -10.47 4.92
C GLN B 12 21.22 -11.55 5.00
N GLY B 13 21.50 -12.70 4.40
CA GLY B 13 20.81 -13.93 4.77
C GLY B 13 21.31 -14.44 6.13
N PRO B 14 20.75 -15.57 6.61
CA PRO B 14 21.12 -16.06 7.95
C PRO B 14 22.63 -16.10 8.25
N ILE B 15 23.00 -15.93 9.52
CA ILE B 15 24.30 -16.36 10.01
C ILE B 15 24.09 -17.48 11.04
N ALA B 16 24.63 -18.66 10.78
CA ALA B 16 24.45 -19.77 11.73
C ALA B 16 25.24 -19.55 13.03
N ARG B 17 24.84 -20.22 14.11
CA ARG B 17 25.48 -20.09 15.42
C ARG B 17 27.00 -20.20 15.40
N ALA B 18 27.53 -21.08 14.56
CA ALA B 18 28.98 -21.25 14.54
C ALA B 18 29.61 -20.92 13.19
N GLU B 19 28.89 -20.17 12.37
CA GLU B 19 29.50 -19.56 11.19
C GLU B 19 30.49 -18.56 11.77
N THR B 20 31.75 -18.60 11.34
CA THR B 20 32.76 -17.75 11.97
C THR B 20 32.67 -16.30 11.46
N ARG B 21 33.30 -15.38 12.19
CA ARG B 21 33.43 -14.01 11.72
C ARG B 21 34.22 -13.91 10.40
N GLU B 22 35.26 -14.72 10.22
CA GLU B 22 35.97 -14.74 8.94
C GLU B 22 35.02 -15.03 7.77
N GLN B 23 34.10 -15.98 7.92
CA GLN B 23 33.15 -16.26 6.84
C GLN B 23 32.10 -15.17 6.65
N VAL B 24 31.68 -14.54 7.74
CA VAL B 24 30.76 -13.41 7.68
C VAL B 24 31.42 -12.20 7.04
N VAL B 25 32.64 -11.88 7.45
CA VAL B 25 33.35 -10.78 6.79
C VAL B 25 33.49 -11.03 5.29
N GLY B 26 33.65 -12.31 4.91
CA GLY B 26 33.75 -12.68 3.50
C GLY B 26 32.47 -12.35 2.76
N ARG B 27 31.36 -12.77 3.33
CA ARG B 27 30.07 -12.39 2.84
C ARG B 27 29.86 -10.86 2.76
N LEU B 28 30.29 -10.12 3.78
CA LEU B 28 30.29 -8.65 3.75
C LEU B 28 31.17 -8.12 2.61
N LEU B 29 32.37 -8.68 2.45
CA LEU B 29 33.28 -8.23 1.39
C LEU B 29 32.72 -8.44 -0.04
N ASP B 30 32.04 -9.56 -0.26
CA ASP B 30 31.44 -9.83 -1.56
C ASP B 30 30.40 -8.77 -1.92
N MET B 31 29.74 -8.23 -0.90
CA MET B 31 28.63 -7.32 -1.10
C MET B 31 29.19 -5.96 -1.40
N LEU B 32 30.35 -5.67 -0.81
CA LEU B 32 31.11 -4.45 -1.10
C LEU B 32 31.67 -4.38 -2.53
N THR B 33 31.69 -5.52 -3.22
CA THR B 33 32.24 -5.61 -4.59
C THR B 33 31.08 -5.43 -5.55
N ASN B 34 30.04 -6.21 -5.29
CA ASN B 34 28.74 -6.04 -5.88
C ASN B 34 28.25 -4.60 -5.78
N ALA B 35 28.87 -3.83 -4.88
CA ALA B 35 28.51 -2.43 -4.63
C ALA B 35 29.45 -1.43 -5.31
N ALA B 36 30.66 -1.84 -5.67
CA ALA B 36 31.46 -1.02 -6.60
C ALA B 36 30.98 -1.21 -8.06
N SER B 37 30.60 -2.45 -8.39
CA SER B 37 29.99 -2.81 -9.68
C SER B 37 28.61 -2.14 -9.98
N ARG B 38 28.00 -1.51 -8.97
CA ARG B 38 26.73 -0.81 -9.22
C ARG B 38 26.85 0.69 -8.99
N GLY B 39 28.06 1.15 -8.71
CA GLY B 39 28.33 2.57 -8.50
C GLY B 39 27.96 3.13 -7.12
N VAL B 40 27.91 2.26 -6.10
CA VAL B 40 27.63 2.66 -4.71
C VAL B 40 28.70 3.56 -4.04
N ASN B 41 28.24 4.55 -3.27
CA ASN B 41 29.10 5.44 -2.47
C ASN B 41 29.17 5.07 -0.98
N PHE B 42 28.06 4.55 -0.46
CA PHE B 42 27.97 4.24 0.94
C PHE B 42 27.04 3.05 1.10
N ILE B 43 27.43 2.04 1.87
CA ILE B 43 26.56 0.88 2.04
C ILE B 43 26.14 0.64 3.50
N VAL B 44 24.85 0.39 3.70
CA VAL B 44 24.25 0.09 5.03
C VAL B 44 24.13 -1.44 5.30
N PHE B 45 24.78 -1.92 6.37
CA PHE B 45 24.72 -3.35 6.77
C PHE B 45 23.80 -3.52 7.99
N PRO B 46 23.34 -4.76 8.28
CA PRO B 46 22.37 -5.00 9.36
C PRO B 46 22.85 -4.73 10.80
N GLU B 47 21.87 -4.76 11.70
CA GLU B 47 22.11 -4.84 13.10
C GLU B 47 22.84 -6.15 13.45
N LEU B 48 23.86 -6.07 14.30
CA LEU B 48 24.55 -7.25 14.81
C LEU B 48 24.99 -8.11 13.64
N ALA B 49 25.73 -7.48 12.73
CA ALA B 49 26.04 -8.03 11.40
C ALA B 49 27.09 -9.12 11.39
N LEU B 50 27.83 -9.26 12.49
CA LEU B 50 28.94 -10.21 12.55
C LEU B 50 28.62 -11.52 13.28
N THR B 51 27.40 -11.68 13.77
CA THR B 51 27.02 -12.90 14.46
C THR B 51 25.58 -13.34 14.15
N THR B 52 25.27 -14.59 14.47
CA THR B 52 23.89 -15.01 14.54
C THR B 52 23.26 -14.14 15.62
N PHE B 53 21.95 -14.13 15.69
CA PHE B 53 21.26 -13.26 16.62
C PHE B 53 21.12 -13.98 17.98
N PHE B 54 22.21 -13.92 18.74
CA PHE B 54 22.29 -14.61 20.02
C PHE B 54 21.23 -14.21 21.07
N PRO B 55 20.63 -13.02 20.95
CA PRO B 55 19.59 -12.74 21.95
C PRO B 55 18.38 -13.68 21.94
N ARG B 56 18.25 -14.53 20.93
CA ARG B 56 17.16 -15.54 20.89
C ARG B 56 17.36 -16.73 21.88
N TRP B 57 18.54 -16.82 22.50
CA TRP B 57 18.76 -17.90 23.48
C TRP B 57 18.98 -17.36 24.88
N HIS B 58 18.67 -18.20 25.85
CA HIS B 58 18.95 -17.90 27.24
C HIS B 58 20.35 -18.44 27.53
N PHE B 59 21.24 -17.56 28.01
CA PHE B 59 22.61 -17.97 28.32
C PHE B 59 22.85 -18.24 29.81
N THR B 60 23.55 -19.33 30.10
CA THR B 60 23.89 -19.65 31.47
C THR B 60 25.37 -19.38 31.70
N ASP B 61 26.11 -19.25 30.61
CA ASP B 61 27.55 -19.16 30.64
C ASP B 61 28.07 -17.81 30.14
N GLU B 62 28.58 -17.00 31.05
CA GLU B 62 29.17 -15.70 30.73
C GLU B 62 30.19 -15.75 29.57
N ALA B 63 31.13 -16.67 29.69
CA ALA B 63 32.18 -16.83 28.70
C ALA B 63 31.61 -17.04 27.29
N GLU B 64 30.55 -17.83 27.22
CA GLU B 64 29.88 -18.17 25.97
C GLU B 64 29.11 -16.99 25.38
N LEU B 65 28.54 -16.18 26.27
CA LEU B 65 27.84 -14.98 25.86
C LEU B 65 28.82 -13.92 25.35
N ASP B 66 29.86 -13.63 26.11
CA ASP B 66 30.86 -12.63 25.72
C ASP B 66 31.42 -12.93 24.32
N SER B 67 31.40 -14.19 23.89
CA SER B 67 32.08 -14.55 22.65
C SER B 67 31.39 -13.92 21.42
N PHE B 68 30.15 -13.49 21.62
CA PHE B 68 29.37 -12.86 20.55
C PHE B 68 29.62 -11.34 20.44
N TYR B 69 30.43 -10.80 21.36
CA TYR B 69 30.71 -9.37 21.43
C TYR B 69 32.08 -9.05 20.88
N GLU B 70 32.24 -7.83 20.37
CA GLU B 70 33.52 -7.32 19.94
C GLU B 70 34.10 -6.53 21.09
N THR B 71 35.38 -6.77 21.37
CA THR B 71 36.08 -6.06 22.43
C THR B 71 36.90 -4.93 21.82
N GLU B 72 36.94 -4.88 20.48
CA GLU B 72 37.64 -3.84 19.74
C GLU B 72 37.01 -3.70 18.35
N MET B 73 37.27 -2.62 17.65
CA MET B 73 36.59 -2.38 16.40
C MET B 73 37.44 -1.56 15.44
N PRO B 74 38.08 -2.22 14.46
CA PRO B 74 38.03 -3.67 14.26
C PRO B 74 39.15 -4.45 14.96
N GLY B 75 38.85 -5.70 15.31
CA GLY B 75 39.87 -6.64 15.69
C GLY B 75 40.54 -7.13 14.43
N PRO B 76 41.55 -7.99 14.56
CA PRO B 76 42.23 -8.53 13.37
C PRO B 76 41.27 -9.11 12.32
N VAL B 77 40.19 -9.75 12.75
CA VAL B 77 39.32 -10.48 11.82
C VAL B 77 38.44 -9.60 10.95
N VAL B 78 38.14 -8.42 11.47
CA VAL B 78 37.15 -7.55 10.85
C VAL B 78 37.89 -6.50 10.04
N ARG B 79 39.20 -6.34 10.33
CA ARG B 79 40.09 -5.46 9.57
C ARG B 79 40.00 -5.52 8.04
N PRO B 80 39.94 -6.73 7.44
CA PRO B 80 39.82 -6.71 5.97
C PRO B 80 38.59 -5.96 5.44
N LEU B 81 37.51 -5.92 6.23
CA LEU B 81 36.32 -5.14 5.85
C LEU B 81 36.62 -3.63 5.72
N PHE B 82 37.37 -3.13 6.70
CA PHE B 82 37.77 -1.75 6.71
C PHE B 82 38.76 -1.41 5.60
N GLU B 83 39.86 -2.19 5.52
CA GLU B 83 40.89 -1.97 4.49
C GLU B 83 40.29 -1.94 3.09
N THR B 84 39.50 -2.95 2.77
CA THR B 84 38.90 -3.06 1.44
C THR B 84 37.94 -1.94 1.08
N ALA B 85 37.11 -1.52 2.03
CA ALA B 85 36.18 -0.41 1.81
C ALA B 85 36.90 0.94 1.68
N ALA B 86 37.92 1.20 2.48
CA ALA B 86 38.77 2.35 2.19
C ALA B 86 39.23 2.26 0.73
N GLU B 87 40.26 1.45 0.46
CA GLU B 87 40.77 1.16 -0.89
C GLU B 87 39.74 1.26 -2.04
N LEU B 88 38.53 0.74 -1.82
CA LEU B 88 37.44 0.84 -2.81
C LEU B 88 36.71 2.18 -2.81
N GLY B 89 37.12 3.08 -1.92
CA GLY B 89 36.45 4.35 -1.71
C GLY B 89 34.98 4.28 -1.29
N ILE B 90 34.59 3.28 -0.48
CA ILE B 90 33.18 3.15 -0.02
C ILE B 90 32.99 3.33 1.51
N GLY B 91 32.02 4.19 1.88
CA GLY B 91 31.65 4.35 3.29
C GLY B 91 30.73 3.22 3.72
N PHE B 92 30.59 3.01 5.03
CA PHE B 92 29.62 2.02 5.49
C PHE B 92 29.10 2.21 6.94
N ASN B 93 27.92 1.64 7.19
CA ASN B 93 27.35 1.52 8.52
C ASN B 93 27.36 0.03 8.98
N LEU B 94 28.06 -0.26 10.08
CA LEU B 94 28.16 -1.63 10.56
C LEU B 94 27.54 -1.82 11.93
N GLY B 95 26.72 -2.87 12.10
CA GLY B 95 26.19 -3.23 13.40
C GLY B 95 26.99 -4.35 14.08
N TYR B 96 27.16 -4.24 15.40
CA TYR B 96 27.85 -5.26 16.19
C TYR B 96 27.57 -5.09 17.69
N ALA B 97 27.76 -6.20 18.43
CA ALA B 97 27.71 -6.20 19.88
C ALA B 97 29.02 -5.66 20.44
N GLU B 98 28.91 -4.55 21.16
CA GLU B 98 30.05 -3.91 21.77
C GLU B 98 30.18 -4.30 23.25
N LEU B 99 31.32 -4.87 23.62
CA LEU B 99 31.65 -5.20 25.00
C LEU B 99 32.72 -4.23 25.49
N VAL B 100 32.39 -3.44 26.50
CA VAL B 100 33.36 -2.50 27.03
C VAL B 100 33.59 -2.78 28.52
N VAL B 101 34.87 -2.78 28.91
CA VAL B 101 35.25 -2.95 30.31
C VAL B 101 35.73 -1.61 30.90
N GLU B 102 35.08 -1.21 31.99
CA GLU B 102 35.35 0.06 32.64
C GLU B 102 35.60 -0.13 34.14
N GLY B 103 36.84 0.06 34.56
CA GLY B 103 37.24 -0.19 35.94
C GLY B 103 36.85 -1.59 36.34
N GLY B 104 37.02 -2.55 35.44
CA GLY B 104 36.63 -3.93 35.69
C GLY B 104 35.12 -4.17 35.71
N VAL B 105 34.33 -3.13 35.38
CA VAL B 105 32.89 -3.32 35.19
C VAL B 105 32.59 -3.55 33.70
N LYS B 106 31.62 -4.43 33.40
CA LYS B 106 31.32 -4.82 32.02
C LYS B 106 30.07 -4.12 31.45
N ARG B 107 30.25 -3.40 30.33
CA ARG B 107 29.13 -2.70 29.67
C ARG B 107 28.80 -3.41 28.38
N ARG B 108 27.52 -3.74 28.20
CA ARG B 108 27.09 -4.30 26.93
C ARG B 108 26.16 -3.38 26.15
N PHE B 109 26.51 -3.17 24.87
CA PHE B 109 25.69 -2.35 23.97
C PHE B 109 25.43 -3.04 22.62
N ASN B 110 24.25 -2.74 22.05
CA ASN B 110 23.87 -3.12 20.69
C ASN B 110 24.25 -1.90 19.85
N THR B 111 25.29 -2.05 19.02
CA THR B 111 26.00 -0.89 18.48
C THR B 111 26.07 -0.81 16.95
N SER B 112 26.15 0.42 16.43
CA SER B 112 26.43 0.59 15.01
C SER B 112 27.33 1.79 14.86
N ILE B 113 28.25 1.71 13.88
CA ILE B 113 29.16 2.79 13.55
C ILE B 113 28.99 3.25 12.10
N LEU B 114 29.31 4.52 11.85
CA LEU B 114 29.45 5.08 10.50
C LEU B 114 30.95 5.20 10.17
N VAL B 115 31.36 4.61 9.05
CA VAL B 115 32.74 4.66 8.58
C VAL B 115 32.78 5.33 7.21
N ASP B 116 33.59 6.39 7.06
CA ASP B 116 33.59 7.12 5.79
C ASP B 116 34.43 6.51 4.65
N LYS B 117 34.43 7.18 3.49
CA LYS B 117 35.12 6.71 2.28
C LYS B 117 36.58 6.37 2.55
N SER B 118 37.13 6.90 3.62
CA SER B 118 38.54 6.76 3.90
C SER B 118 38.81 5.77 5.02
N GLY B 119 37.77 5.04 5.43
CA GLY B 119 37.92 4.04 6.48
C GLY B 119 37.98 4.61 7.89
N LYS B 120 37.72 5.91 8.02
CA LYS B 120 37.65 6.49 9.36
C LYS B 120 36.29 6.20 10.00
N ILE B 121 36.32 5.85 11.29
CA ILE B 121 35.09 5.79 12.05
C ILE B 121 34.75 7.21 12.43
N VAL B 122 33.62 7.71 11.95
CA VAL B 122 33.24 9.12 12.20
C VAL B 122 32.07 9.27 13.18
N GLY B 123 31.47 8.16 13.57
CA GLY B 123 30.25 8.23 14.36
C GLY B 123 29.83 6.89 14.93
N LYS B 124 29.27 6.93 16.14
CA LYS B 124 28.73 5.76 16.80
C LYS B 124 27.36 6.08 17.41
N TYR B 125 26.54 5.02 17.49
CA TYR B 125 25.22 5.05 18.06
C TYR B 125 25.03 3.72 18.80
N ARG B 126 24.36 3.77 19.95
CA ARG B 126 24.03 2.56 20.71
C ARG B 126 22.52 2.47 20.89
N LYS B 127 21.98 1.27 20.65
CA LYS B 127 20.53 1.05 20.60
C LYS B 127 19.86 1.57 21.86
N ILE B 128 18.92 2.49 21.69
CA ILE B 128 18.22 3.09 22.81
C ILE B 128 16.91 2.37 23.18
N HIS B 129 16.18 1.91 22.16
CA HIS B 129 14.91 1.21 22.37
C HIS B 129 15.10 -0.30 22.25
N LEU B 130 15.28 -0.96 23.39
CA LEU B 130 15.50 -2.40 23.42
C LEU B 130 14.17 -3.14 23.51
N PRO B 131 13.87 -3.98 22.50
CA PRO B 131 12.65 -4.78 22.52
C PRO B 131 12.80 -6.05 23.34
N GLY B 132 11.71 -6.79 23.51
CA GLY B 132 11.75 -8.10 24.11
C GLY B 132 11.48 -8.05 25.59
N HIS B 133 12.12 -8.92 26.35
CA HIS B 133 11.73 -9.19 27.72
C HIS B 133 12.99 -9.47 28.53
N LYS B 134 12.89 -9.45 29.85
CA LYS B 134 14.10 -9.48 30.66
C LYS B 134 14.55 -10.88 31.12
N GLU B 135 13.62 -11.84 31.15
CA GLU B 135 13.99 -13.19 31.57
C GLU B 135 13.27 -14.36 30.87
N TYR B 136 13.89 -15.53 30.94
CA TYR B 136 13.45 -16.73 30.23
C TYR B 136 11.91 -16.96 30.28
N GLU B 137 11.31 -17.19 29.12
CA GLU B 137 9.89 -17.54 29.04
C GLU B 137 9.73 -18.87 28.31
N ALA B 138 9.23 -19.87 29.02
CA ALA B 138 9.33 -21.26 28.56
C ALA B 138 8.40 -21.58 27.39
N TYR B 139 7.32 -20.80 27.24
CA TYR B 139 6.35 -21.05 26.17
C TYR B 139 6.84 -20.69 24.78
N ARG B 140 7.80 -19.77 24.73
CA ARG B 140 8.31 -19.20 23.50
C ARG B 140 9.19 -20.18 22.74
N PRO B 141 8.93 -20.33 21.41
CA PRO B 141 9.82 -21.11 20.52
C PRO B 141 11.23 -20.51 20.48
N PHE B 142 11.33 -19.20 20.68
CA PHE B 142 12.64 -18.54 20.74
C PHE B 142 12.48 -17.39 21.69
N GLN B 143 13.57 -17.01 22.36
CA GLN B 143 13.55 -15.86 23.28
C GLN B 143 13.83 -14.54 22.59
N HIS B 144 13.58 -13.44 23.29
CA HIS B 144 14.07 -12.16 22.84
C HIS B 144 14.65 -11.34 24.01
N LEU B 145 15.91 -11.62 24.31
CA LEU B 145 16.50 -11.20 25.57
C LEU B 145 17.50 -10.05 25.40
N GLU B 146 17.15 -9.11 24.51
CA GLU B 146 17.94 -7.90 24.30
C GLU B 146 18.04 -7.07 25.59
N LYS B 147 16.97 -7.04 26.38
CA LYS B 147 16.98 -6.27 27.62
C LYS B 147 18.01 -6.82 28.66
N ARG B 148 18.25 -8.13 28.65
CA ARG B 148 19.30 -8.71 29.50
C ARG B 148 20.72 -8.49 28.92
N TYR B 149 20.87 -8.65 27.61
CA TYR B 149 22.20 -8.71 27.00
C TYR B 149 22.77 -7.35 26.63
N PHE B 150 21.94 -6.33 26.67
CA PHE B 150 22.36 -4.96 26.36
C PHE B 150 21.79 -3.95 27.36
N GLU B 151 22.54 -2.87 27.60
CA GLU B 151 22.06 -1.63 28.25
C GLU B 151 21.49 -0.66 27.20
N PRO B 152 20.47 0.13 27.57
CA PRO B 152 20.02 1.13 26.59
C PRO B 152 21.16 2.08 26.27
N GLY B 153 21.29 2.48 25.00
CA GLY B 153 22.41 3.34 24.62
C GLY B 153 22.47 4.63 25.41
N ASP B 154 23.69 5.16 25.54
CA ASP B 154 23.94 6.36 26.33
C ASP B 154 24.50 7.45 25.43
N LEU B 155 24.38 7.28 24.12
CA LEU B 155 24.90 8.27 23.19
C LEU B 155 23.86 9.26 22.69
N GLY B 156 22.59 9.03 22.98
CA GLY B 156 21.52 9.81 22.37
C GLY B 156 21.24 9.38 20.94
N PHE B 157 20.55 10.24 20.17
CA PHE B 157 20.41 10.07 18.71
C PHE B 157 21.23 11.13 18.00
N PRO B 158 22.54 10.90 17.86
CA PRO B 158 23.37 11.91 17.18
C PRO B 158 23.25 11.85 15.66
N VAL B 159 23.75 12.91 15.03
CA VAL B 159 23.82 13.04 13.57
C VAL B 159 25.25 13.42 13.21
N TYR B 160 25.80 12.79 12.17
CA TYR B 160 27.20 12.96 11.89
C TYR B 160 27.44 13.34 10.46
N ASP B 161 28.53 14.09 10.23
CA ASP B 161 28.98 14.44 8.90
C ASP B 161 29.78 13.28 8.32
N VAL B 162 29.25 12.63 7.29
CA VAL B 162 29.91 11.48 6.65
C VAL B 162 30.23 11.81 5.18
N ASP B 163 31.50 12.11 4.92
CA ASP B 163 31.91 12.62 3.63
C ASP B 163 30.98 13.79 3.33
N ALA B 164 30.08 13.70 2.37
CA ALA B 164 29.32 14.93 2.08
C ALA B 164 27.88 14.98 2.66
N ALA B 165 27.54 13.96 3.46
CA ALA B 165 26.19 13.76 3.94
C ALA B 165 26.12 13.86 5.46
N LYS B 166 25.03 14.44 5.95
CA LYS B 166 24.69 14.41 7.37
C LYS B 166 23.90 13.13 7.59
N MET B 167 24.41 12.24 8.46
CA MET B 167 23.82 10.92 8.63
C MET B 167 23.44 10.63 10.07
N GLY B 168 22.28 9.99 10.23
CA GLY B 168 21.82 9.54 11.54
C GLY B 168 21.61 8.03 11.55
N MET B 169 21.94 7.41 12.67
CA MET B 169 21.74 5.99 12.83
C MET B 169 20.52 5.68 13.74
N PHE B 170 19.83 4.60 13.43
CA PHE B 170 18.83 4.01 14.33
C PHE B 170 19.23 2.55 14.28
N ILE B 171 18.74 1.73 15.21
CA ILE B 171 18.97 0.30 15.17
C ILE B 171 17.67 -0.46 15.41
N CYS B 172 17.24 -1.21 14.38
CA CYS B 172 16.10 -2.13 14.53
C CYS B 172 14.79 -1.50 15.10
N ASN B 173 14.42 -1.87 16.32
CA ASN B 173 13.19 -1.44 16.95
C ASN B 173 13.05 0.09 17.04
N ASP B 174 14.19 0.77 17.13
CA ASP B 174 14.23 2.21 17.15
C ASP B 174 13.36 2.83 16.05
N ARG B 175 13.29 2.20 14.89
CA ARG B 175 12.58 2.80 13.73
C ARG B 175 11.10 2.97 13.97
N ARG B 176 10.60 2.34 15.03
CA ARG B 176 9.17 2.32 15.24
C ARG B 176 8.73 3.41 16.19
N TRP B 177 9.68 4.24 16.63
CA TRP B 177 9.40 5.29 17.63
C TRP B 177 9.66 6.61 16.96
N PRO B 178 8.63 7.44 16.85
CA PRO B 178 8.78 8.75 16.16
C PRO B 178 9.91 9.60 16.76
N GLU B 179 10.23 9.34 18.03
CA GLU B 179 11.20 10.16 18.74
C GLU B 179 12.57 9.91 18.16
N THR B 180 12.85 8.67 17.81
CA THR B 180 14.10 8.34 17.15
C THR B 180 14.28 9.29 15.98
N TRP B 181 13.29 9.31 15.10
CA TRP B 181 13.38 10.01 13.83
C TRP B 181 13.46 11.49 14.01
N ARG B 182 12.63 12.01 14.92
CA ARG B 182 12.45 13.45 15.15
C ARG B 182 13.69 14.10 15.71
N VAL B 183 14.34 13.43 16.67
CA VAL B 183 15.53 14.02 17.26
C VAL B 183 16.61 14.25 16.19
N MET B 184 16.81 13.25 15.34
CA MET B 184 17.78 13.35 14.25
C MET B 184 17.26 14.28 13.13
N GLY B 185 15.94 14.22 12.85
CA GLY B 185 15.28 15.22 12.03
C GLY B 185 15.56 16.67 12.42
N LEU B 186 15.59 16.96 13.72
CA LEU B 186 15.88 18.32 14.22
C LEU B 186 17.39 18.65 14.22
N LYS B 187 18.21 17.66 13.90
CA LYS B 187 19.65 17.87 13.88
C LYS B 187 20.10 17.94 12.43
N GLY B 188 19.13 17.85 11.53
CA GLY B 188 19.39 18.07 10.12
C GLY B 188 19.75 16.82 9.33
N ALA B 189 19.51 15.63 9.90
CA ALA B 189 19.88 14.39 9.18
C ALA B 189 19.34 14.43 7.74
N GLU B 190 20.19 14.07 6.77
CA GLU B 190 19.72 13.97 5.37
C GLU B 190 19.48 12.52 5.03
N ILE B 191 20.21 11.65 5.71
CA ILE B 191 19.99 10.22 5.61
C ILE B 191 19.88 9.67 7.02
N ILE B 192 18.86 8.87 7.28
CA ILE B 192 18.72 8.17 8.54
C ILE B 192 18.77 6.69 8.17
N CYS B 193 19.74 5.94 8.71
CA CYS B 193 19.94 4.54 8.31
C CYS B 193 20.27 3.59 9.47
N GLY B 194 20.05 2.30 9.24
CA GLY B 194 20.39 1.29 10.25
C GLY B 194 19.99 -0.10 9.78
N GLY B 195 20.14 -1.08 10.67
CA GLY B 195 19.78 -2.44 10.32
C GLY B 195 18.79 -3.02 11.30
N TYR B 196 18.40 -4.27 11.07
CA TYR B 196 17.43 -4.90 11.96
C TYR B 196 17.47 -6.42 11.83
N ASN B 197 17.02 -7.08 12.89
CA ASN B 197 16.67 -8.50 12.87
C ASN B 197 15.25 -8.52 13.34
N THR B 198 14.32 -8.90 12.45
CA THR B 198 12.89 -8.79 12.81
C THR B 198 12.13 -10.08 12.58
N PRO B 199 11.93 -10.86 13.65
CA PRO B 199 11.26 -12.15 13.50
C PRO B 199 9.89 -11.96 12.90
N THR B 200 9.46 -12.86 12.01
CA THR B 200 8.12 -12.74 11.45
C THR B 200 7.00 -13.29 12.37
N HIS B 201 7.39 -13.88 13.49
CA HIS B 201 6.49 -14.38 14.54
C HIS B 201 6.74 -13.69 15.89
N ASN B 202 5.67 -13.28 16.57
CA ASN B 202 5.81 -12.64 17.88
C ASN B 202 5.01 -13.38 18.92
N PRO B 203 5.71 -14.09 19.83
CA PRO B 203 5.01 -15.04 20.70
C PRO B 203 3.86 -14.46 21.54
N PRO B 204 4.03 -13.29 22.18
CA PRO B 204 2.90 -12.79 22.98
C PRO B 204 1.77 -12.11 22.20
N VAL B 205 2.06 -11.63 20.98
CA VAL B 205 1.09 -10.96 20.15
C VAL B 205 1.05 -11.54 18.73
N PRO B 206 0.79 -12.86 18.63
CA PRO B 206 0.78 -13.62 17.36
C PRO B 206 -0.24 -13.12 16.34
N GLN B 207 -1.30 -12.47 16.81
CA GLN B 207 -2.28 -11.86 15.90
C GLN B 207 -1.77 -10.69 15.04
N HIS B 208 -0.52 -10.25 15.22
CA HIS B 208 0.03 -9.25 14.32
C HIS B 208 1.10 -9.80 13.38
N ASP B 209 1.38 -11.10 13.43
CA ASP B 209 2.42 -11.71 12.56
C ASP B 209 2.27 -11.35 11.07
N HIS B 210 1.06 -11.48 10.56
CA HIS B 210 0.76 -11.27 9.14
C HIS B 210 0.92 -9.80 8.78
N LEU B 211 1.15 -8.97 9.80
CA LEU B 211 1.36 -7.52 9.63
C LEU B 211 2.83 -7.13 9.71
N THR B 212 3.76 -8.08 9.79
CA THR B 212 5.18 -7.76 10.06
C THR B 212 5.81 -6.80 9.08
N SER B 213 5.67 -7.11 7.79
CA SER B 213 6.15 -6.28 6.67
C SER B 213 5.50 -4.91 6.64
N PHE B 214 4.17 -4.90 6.71
CA PHE B 214 3.38 -3.69 6.84
C PHE B 214 3.92 -2.75 7.95
N HIS B 215 3.99 -3.21 9.20
CA HIS B 215 4.52 -2.38 10.30
C HIS B 215 5.93 -1.84 10.05
N HIS B 216 6.78 -2.71 9.51
CA HIS B 216 8.14 -2.33 9.18
C HIS B 216 8.23 -1.21 8.12
N LEU B 217 7.54 -1.42 7.00
CA LEU B 217 7.59 -0.49 5.87
C LEU B 217 6.88 0.82 6.20
N LEU B 218 5.76 0.71 6.89
CA LEU B 218 5.01 1.84 7.37
C LEU B 218 5.89 2.82 8.15
N SER B 219 6.65 2.26 9.12
CA SER B 219 7.53 3.01 10.03
C SER B 219 8.61 3.77 9.30
N MET B 220 9.18 3.13 8.26
CA MET B 220 10.25 3.70 7.46
C MET B 220 9.74 4.83 6.59
N GLN B 221 8.70 4.52 5.83
CA GLN B 221 8.01 5.51 5.02
C GLN B 221 7.54 6.76 5.76
N CYS B 222 6.94 6.58 6.94
CA CYS B 222 6.37 7.74 7.61
C CYS B 222 7.42 8.60 8.27
N GLY B 223 8.49 7.96 8.77
CA GLY B 223 9.55 8.66 9.47
C GLY B 223 10.32 9.49 8.49
N SER B 224 10.65 8.86 7.37
CA SER B 224 11.21 9.56 6.22
C SER B 224 10.42 10.79 5.82
N TYR B 225 9.11 10.60 5.61
CA TYR B 225 8.22 11.66 5.12
C TYR B 225 8.13 12.82 6.10
N GLN B 226 7.94 12.49 7.38
CA GLN B 226 7.65 13.51 8.38
C GLN B 226 8.92 14.26 8.80
N ASN B 227 10.05 13.75 8.33
CA ASN B 227 11.34 14.38 8.57
C ASN B 227 12.08 14.89 7.32
N GLY B 228 11.53 14.62 6.14
CA GLY B 228 12.20 15.01 4.90
C GLY B 228 13.57 14.39 4.84
N ALA B 229 13.66 13.10 5.19
CA ALA B 229 14.94 12.41 5.26
C ALA B 229 14.94 11.20 4.34
N TRP B 230 16.06 10.95 3.67
CA TRP B 230 16.30 9.65 3.01
C TRP B 230 16.48 8.63 4.10
N SER B 231 16.11 7.38 3.83
CA SER B 231 16.29 6.34 4.85
C SER B 231 16.57 4.99 4.24
N ALA B 232 17.22 4.14 5.02
CA ALA B 232 17.63 2.82 4.58
C ALA B 232 17.51 1.89 5.75
N ALA B 233 16.95 0.71 5.52
CA ALA B 233 16.92 -0.34 6.56
C ALA B 233 17.55 -1.60 5.97
N ALA B 234 18.64 -2.05 6.59
CA ALA B 234 19.30 -3.28 6.21
C ALA B 234 18.97 -4.43 7.16
N GLY B 235 18.25 -5.42 6.67
CA GLY B 235 17.87 -6.54 7.52
C GLY B 235 18.88 -7.65 7.49
N LYS B 236 18.91 -8.45 8.56
CA LYS B 236 19.44 -9.80 8.50
C LYS B 236 18.22 -10.70 8.49
N VAL B 237 18.14 -11.59 7.50
CA VAL B 237 16.86 -12.21 7.15
C VAL B 237 16.91 -13.70 6.76
N GLY B 238 15.73 -14.31 6.67
CA GLY B 238 15.63 -15.72 6.34
C GLY B 238 15.57 -16.58 7.59
N MET B 239 15.68 -17.90 7.39
CA MET B 239 15.59 -18.88 8.48
C MET B 239 16.93 -18.99 9.20
N GLU B 240 17.07 -18.27 10.31
CA GLU B 240 18.30 -18.25 11.10
C GLU B 240 18.12 -19.06 12.37
N GLU B 241 18.97 -20.08 12.56
CA GLU B 241 18.83 -21.02 13.68
C GLU B 241 17.39 -21.36 14.01
N GLY B 242 16.58 -21.64 12.97
CA GLY B 242 15.20 -22.07 13.14
C GLY B 242 14.12 -20.98 13.24
N CYS B 243 14.54 -19.70 13.26
CA CYS B 243 13.62 -18.56 13.42
C CYS B 243 13.50 -17.75 12.13
N MET B 244 12.27 -17.53 11.64
CA MET B 244 12.16 -16.73 10.39
C MET B 244 12.33 -15.24 10.64
N LEU B 245 13.34 -14.65 9.97
CA LEU B 245 13.61 -13.22 10.04
C LEU B 245 13.03 -12.51 8.81
N LEU B 246 12.43 -11.33 9.03
CA LEU B 246 11.77 -10.57 7.97
C LEU B 246 12.73 -10.04 6.90
N GLY B 247 12.32 -10.15 5.65
CA GLY B 247 13.05 -9.54 4.53
C GLY B 247 12.71 -8.07 4.34
N HIS B 248 12.56 -7.70 3.08
CA HIS B 248 12.10 -6.36 2.73
C HIS B 248 12.96 -5.21 3.25
N SER B 249 14.27 -5.30 3.03
CA SER B 249 15.18 -4.20 3.30
C SER B 249 14.85 -3.17 2.23
N CYS B 250 15.05 -1.90 2.55
CA CYS B 250 14.58 -0.84 1.67
C CYS B 250 15.46 0.41 1.67
N ILE B 251 15.37 1.17 0.58
CA ILE B 251 15.79 2.55 0.62
C ILE B 251 14.51 3.37 0.36
N VAL B 252 14.38 4.51 1.04
CA VAL B 252 13.15 5.29 1.05
C VAL B 252 13.55 6.74 0.83
N ALA B 253 12.74 7.48 0.06
CA ALA B 253 13.02 8.88 -0.28
C ALA B 253 12.45 9.83 0.79
N PRO B 254 12.86 11.12 0.78
CA PRO B 254 12.34 12.06 1.79
C PRO B 254 10.82 12.34 1.74
N THR B 255 10.16 11.81 0.71
CA THR B 255 8.72 11.89 0.50
C THR B 255 8.07 10.61 1.05
N GLY B 256 8.89 9.65 1.52
CA GLY B 256 8.40 8.40 2.11
C GLY B 256 8.08 7.32 1.09
N GLU B 257 8.44 7.61 -0.15
CA GLU B 257 8.36 6.68 -1.26
C GLU B 257 9.55 5.69 -1.19
N ILE B 258 9.25 4.40 -1.09
CA ILE B 258 10.28 3.35 -1.21
C ILE B 258 10.82 3.27 -2.63
N VAL B 259 12.11 3.57 -2.79
CA VAL B 259 12.71 3.63 -4.10
C VAL B 259 13.57 2.40 -4.43
N ALA B 260 13.73 1.50 -3.46
CA ALA B 260 14.44 0.23 -3.68
C ALA B 260 14.11 -0.73 -2.56
N LEU B 261 13.87 -1.99 -2.92
CA LEU B 261 13.40 -3.05 -2.03
C LEU B 261 14.00 -4.43 -2.39
N THR B 262 14.42 -5.22 -1.36
CA THR B 262 14.86 -6.60 -1.56
C THR B 262 13.72 -7.60 -1.76
N THR B 263 14.00 -8.63 -2.54
CA THR B 263 12.99 -9.64 -2.82
C THR B 263 13.45 -11.05 -2.42
N THR B 264 14.75 -11.22 -2.18
CA THR B 264 15.25 -12.49 -1.68
C THR B 264 15.38 -12.50 -0.15
N LEU B 265 15.53 -13.70 0.43
CA LEU B 265 15.89 -13.85 1.82
C LEU B 265 17.37 -14.20 1.99
N GLU B 266 18.21 -13.69 1.09
CA GLU B 266 19.64 -13.96 1.14
C GLU B 266 20.49 -12.70 1.02
N ASP B 267 21.80 -12.84 1.11
CA ASP B 267 22.70 -11.72 0.90
C ASP B 267 22.28 -11.02 -0.37
N GLU B 268 21.96 -9.74 -0.26
CA GLU B 268 21.40 -9.02 -1.39
C GLU B 268 21.72 -7.56 -1.31
N VAL B 269 22.26 -7.02 -2.39
CA VAL B 269 22.57 -5.60 -2.49
C VAL B 269 21.51 -4.85 -3.30
N ILE B 270 21.07 -3.72 -2.76
CA ILE B 270 20.14 -2.89 -3.48
C ILE B 270 20.66 -1.47 -3.41
N THR B 271 20.25 -0.68 -4.39
CA THR B 271 20.94 0.56 -4.61
C THR B 271 19.91 1.62 -5.00
N ALA B 272 20.26 2.88 -4.77
CA ALA B 272 19.36 3.98 -5.14
C ALA B 272 20.11 5.29 -5.11
N ALA B 273 19.68 6.18 -5.99
CA ALA B 273 20.28 7.48 -6.17
C ALA B 273 19.66 8.48 -5.21
N LEU B 274 20.53 9.24 -4.54
CA LEU B 274 20.12 10.20 -3.54
C LEU B 274 20.72 11.51 -3.87
N ASP B 275 19.83 12.47 -3.85
CA ASP B 275 20.12 13.86 -4.02
C ASP B 275 19.92 14.40 -2.61
N LEU B 276 21.00 14.81 -1.96
CA LEU B 276 20.86 15.31 -0.58
C LEU B 276 19.89 16.51 -0.50
N ASP B 277 19.82 17.31 -1.56
CA ASP B 277 18.92 18.47 -1.60
C ASP B 277 17.41 18.19 -1.73
N ARG B 278 17.03 16.98 -2.09
CA ARG B 278 15.60 16.63 -2.13
C ARG B 278 14.90 16.84 -0.80
N CYS B 279 15.65 16.70 0.28
CA CYS B 279 15.15 16.95 1.65
C CYS B 279 14.38 18.27 1.73
N ARG B 280 14.80 19.24 0.91
CA ARG B 280 14.18 20.56 0.79
C ARG B 280 12.70 20.59 0.45
N GLU B 281 12.24 19.59 -0.29
CA GLU B 281 10.85 19.58 -0.77
C GLU B 281 9.86 19.50 0.39
N LEU B 282 10.35 18.94 1.50
CA LEU B 282 9.62 18.79 2.75
C LEU B 282 10.10 19.81 3.77
N ARG B 283 11.42 19.90 3.96
CA ARG B 283 11.96 20.71 5.08
C ARG B 283 12.00 22.23 4.89
N GLU B 284 11.64 22.72 3.70
CA GLU B 284 11.49 24.15 3.46
C GLU B 284 10.03 24.48 3.13
N HIS B 285 9.16 23.50 3.19
CA HIS B 285 7.78 23.73 2.84
C HIS B 285 6.85 23.12 3.88
N ILE B 286 6.24 21.96 3.61
CA ILE B 286 5.23 21.51 4.56
C ILE B 286 5.79 21.25 5.95
N PHE B 287 7.06 20.82 6.03
CA PHE B 287 7.68 20.52 7.32
C PHE B 287 8.85 21.45 7.52
N ASN B 288 8.59 22.72 7.24
CA ASN B 288 9.52 23.76 7.60
C ASN B 288 9.41 23.91 9.10
N PHE B 289 10.25 23.17 9.83
CA PHE B 289 10.12 23.08 11.28
C PHE B 289 10.02 24.43 11.97
N LYS B 290 10.93 25.34 11.64
CA LYS B 290 11.01 26.61 12.33
C LYS B 290 9.72 27.42 12.17
N ALA B 291 9.07 27.25 11.02
CA ALA B 291 7.86 28.00 10.68
C ALA B 291 6.56 27.41 11.28
N HIS B 292 6.54 26.09 11.48
CA HIS B 292 5.27 25.42 11.73
C HIS B 292 5.19 24.69 13.06
N ARG B 293 6.33 24.35 13.66
CA ARG B 293 6.32 23.54 14.87
C ARG B 293 6.04 24.40 16.09
N GLN B 294 5.41 23.79 17.08
CA GLN B 294 5.05 24.50 18.29
C GLN B 294 5.49 23.69 19.50
N PRO B 295 6.83 23.58 19.68
CA PRO B 295 7.45 22.71 20.69
C PRO B 295 7.07 23.07 22.13
N GLN B 296 6.49 24.25 22.33
CA GLN B 296 6.06 24.61 23.67
C GLN B 296 4.89 23.76 24.12
N HIS B 297 4.20 23.14 23.14
CA HIS B 297 3.04 22.31 23.43
C HIS B 297 3.37 20.84 23.38
N TYR B 298 4.67 20.53 23.19
CA TYR B 298 5.18 19.16 23.06
C TYR B 298 5.83 18.70 24.36
N GLY B 299 5.84 19.55 25.37
CA GLY B 299 6.52 19.24 26.64
C GLY B 299 6.37 17.81 27.13
N LEU B 300 5.13 17.29 27.14
CA LEU B 300 4.89 15.91 27.60
C LEU B 300 5.84 14.84 26.99
N ILE B 301 6.35 15.09 25.79
CA ILE B 301 7.23 14.10 25.15
C ILE B 301 8.58 13.90 25.87
N ALA B 302 9.04 14.94 26.56
CA ALA B 302 10.40 15.00 27.11
C ALA B 302 10.44 14.79 28.62
N GLU B 303 9.26 14.60 29.22
CA GLU B 303 9.12 14.36 30.66
C GLU B 303 9.58 12.96 31.08
N PHE B 304 10.26 12.88 32.22
CA PHE B 304 10.62 11.60 32.82
C PHE B 304 10.92 11.73 34.31
N ARG C 3 22.23 -15.75 -16.97
CA ARG C 3 20.83 -15.87 -16.46
C ARG C 3 20.46 -14.76 -15.47
N GLN C 4 21.42 -13.88 -15.21
CA GLN C 4 21.18 -12.76 -14.34
C GLN C 4 21.44 -11.48 -15.09
N MET C 5 20.70 -10.42 -14.75
CA MET C 5 20.93 -9.14 -15.43
C MET C 5 20.47 -7.97 -14.65
N ILE C 6 20.90 -6.79 -15.14
CA ILE C 6 20.43 -5.56 -14.60
C ILE C 6 19.51 -4.89 -15.62
N LEU C 7 18.31 -4.59 -15.14
CA LEU C 7 17.25 -4.01 -15.94
C LEU C 7 17.05 -2.57 -15.50
N ALA C 8 17.09 -1.63 -16.44
CA ALA C 8 16.85 -0.24 -16.09
C ALA C 8 15.56 0.30 -16.66
N VAL C 9 15.14 1.43 -16.11
CA VAL C 9 14.06 2.21 -16.68
C VAL C 9 14.57 3.63 -16.87
N GLY C 10 14.62 4.09 -18.13
CA GLY C 10 14.93 5.47 -18.42
C GLY C 10 13.64 6.27 -18.49
N GLN C 11 13.21 6.84 -17.38
CA GLN C 11 12.04 7.71 -17.38
C GLN C 11 12.34 9.08 -18.02
N GLN C 12 11.36 9.65 -18.72
CA GLN C 12 11.53 10.94 -19.36
C GLN C 12 10.70 12.02 -18.68
N GLY C 13 11.30 13.20 -18.48
CA GLY C 13 10.53 14.40 -18.19
C GLY C 13 9.85 14.94 -19.45
N PRO C 14 9.17 16.10 -19.33
CA PRO C 14 8.36 16.58 -20.46
C PRO C 14 9.17 16.79 -21.74
N ILE C 15 8.56 16.51 -22.89
CA ILE C 15 9.12 16.96 -24.18
C ILE C 15 8.29 18.14 -24.76
N ALA C 16 8.96 19.26 -25.06
CA ALA C 16 8.26 20.45 -25.55
C ALA C 16 7.74 20.23 -26.97
N ARG C 17 6.60 20.86 -27.29
CA ARG C 17 5.99 20.70 -28.60
C ARG C 17 7.02 20.93 -29.68
N ALA C 18 7.91 21.88 -29.48
CA ALA C 18 8.89 22.16 -30.51
C ALA C 18 10.32 21.80 -30.11
N GLU C 19 10.47 20.82 -29.21
CA GLU C 19 11.76 20.27 -28.84
C GLU C 19 12.13 19.29 -29.94
N THR C 20 13.33 19.43 -30.50
CA THR C 20 13.68 18.62 -31.66
C THR C 20 14.07 17.20 -31.28
N ARG C 21 13.84 16.26 -32.19
CA ARG C 21 14.23 14.87 -31.99
C ARG C 21 15.70 14.71 -31.71
N GLU C 22 16.51 15.60 -32.28
CA GLU C 22 17.93 15.64 -31.97
C GLU C 22 18.18 15.89 -30.49
N GLN C 23 17.38 16.77 -29.90
CA GLN C 23 17.53 17.09 -28.47
C GLN C 23 17.00 15.99 -27.54
N VAL C 24 15.87 15.38 -27.92
CA VAL C 24 15.33 14.21 -27.24
C VAL C 24 16.36 13.07 -27.28
N VAL C 25 16.88 12.78 -28.46
CA VAL C 25 17.89 11.72 -28.59
C VAL C 25 19.08 11.95 -27.66
N GLY C 26 19.52 13.20 -27.58
CA GLY C 26 20.55 13.62 -26.65
C GLY C 26 20.16 13.28 -25.23
N ARG C 27 18.93 13.61 -24.84
CA ARG C 27 18.45 13.31 -23.50
C ARG C 27 18.47 11.80 -23.25
N LEU C 28 18.06 11.03 -24.25
CA LEU C 28 18.09 9.57 -24.19
C LEU C 28 19.50 9.02 -24.03
N LEU C 29 20.41 9.53 -24.85
CA LEU C 29 21.81 9.15 -24.81
C LEU C 29 22.42 9.33 -23.41
N ASP C 30 22.07 10.40 -22.71
CA ASP C 30 22.62 10.62 -21.36
C ASP C 30 22.10 9.59 -20.35
N MET C 31 20.93 9.02 -20.61
CA MET C 31 20.36 8.09 -19.65
C MET C 31 21.03 6.76 -19.80
N LEU C 32 21.51 6.44 -21.00
CA LEU C 32 22.45 5.32 -21.14
C LEU C 32 23.67 5.42 -20.17
N THR C 33 24.41 6.52 -20.27
CA THR C 33 25.46 6.90 -19.29
C THR C 33 25.11 6.44 -17.86
N ASN C 34 24.09 7.05 -17.26
CA ASN C 34 23.63 6.65 -15.94
C ASN C 34 23.39 5.14 -15.88
N ALA C 35 22.83 4.60 -16.97
CA ALA C 35 22.59 3.15 -17.07
C ALA C 35 23.89 2.31 -17.06
N ALA C 36 24.87 2.66 -17.88
CA ALA C 36 26.19 1.99 -17.82
C ALA C 36 26.92 2.11 -16.46
N SER C 37 26.72 3.23 -15.75
CA SER C 37 27.43 3.47 -14.49
C SER C 37 26.88 2.65 -13.33
N ARG C 38 25.61 2.26 -13.47
CA ARG C 38 24.94 1.45 -12.47
C ARG C 38 24.91 -0.03 -12.91
N GLY C 39 25.63 -0.31 -14.02
CA GLY C 39 25.84 -1.66 -14.53
C GLY C 39 24.63 -2.29 -15.21
N VAL C 40 24.06 -1.60 -16.20
CA VAL C 40 22.78 -2.02 -16.81
C VAL C 40 22.92 -2.79 -18.12
N ASN C 41 22.06 -3.79 -18.32
CA ASN C 41 22.05 -4.65 -19.50
C ASN C 41 20.94 -4.31 -20.50
N PHE C 42 19.81 -3.84 -19.96
CA PHE C 42 18.66 -3.45 -20.76
C PHE C 42 17.97 -2.28 -20.13
N ILE C 43 17.67 -1.25 -20.92
CA ILE C 43 16.89 -0.10 -20.42
C ILE C 43 15.62 0.14 -21.23
N VAL C 44 14.54 0.45 -20.51
CA VAL C 44 13.20 0.62 -21.02
C VAL C 44 12.88 2.11 -21.07
N PHE C 45 12.55 2.62 -22.26
CA PHE C 45 12.17 4.03 -22.44
C PHE C 45 10.64 4.18 -22.63
N PRO C 46 10.11 5.41 -22.48
CA PRO C 46 8.66 5.67 -22.48
C PRO C 46 7.93 5.42 -23.82
N GLU C 47 6.61 5.41 -23.75
CA GLU C 47 5.74 5.35 -24.91
C GLU C 47 5.96 6.64 -25.69
N LEU C 48 6.09 6.55 -27.02
CA LEU C 48 6.17 7.75 -27.84
C LEU C 48 7.29 8.67 -27.33
N ALA C 49 8.46 8.09 -27.17
CA ALA C 49 9.56 8.76 -26.49
C ALA C 49 10.32 9.80 -27.33
N LEU C 50 9.86 10.06 -28.56
CA LEU C 50 10.61 10.95 -29.48
C LEU C 50 9.98 12.32 -29.68
N THR C 51 8.69 12.45 -29.34
CA THR C 51 7.96 13.69 -29.54
C THR C 51 7.16 14.00 -28.28
N THR C 52 6.65 15.23 -28.17
CA THR C 52 5.61 15.59 -27.19
C THR C 52 4.44 14.64 -27.42
N PHE C 53 3.47 14.61 -26.50
CA PHE C 53 2.31 13.72 -26.66
C PHE C 53 1.19 14.39 -27.48
N PHE C 54 1.34 14.38 -28.82
CA PHE C 54 0.45 15.14 -29.74
C PHE C 54 -1.03 14.77 -29.69
N PRO C 55 -1.35 13.51 -29.32
CA PRO C 55 -2.77 13.14 -29.25
C PRO C 55 -3.63 14.00 -28.28
N ARG C 56 -3.02 14.99 -27.63
CA ARG C 56 -3.81 15.89 -26.77
C ARG C 56 -4.44 17.06 -27.56
N TRP C 57 -4.02 17.26 -28.81
CA TRP C 57 -4.50 18.39 -29.59
C TRP C 57 -5.37 17.90 -30.71
N HIS C 58 -6.31 18.73 -31.13
CA HIS C 58 -7.17 18.39 -32.25
C HIS C 58 -6.53 18.85 -33.55
N PHE C 59 -6.12 17.89 -34.37
CA PHE C 59 -5.42 18.21 -35.60
C PHE C 59 -6.40 18.37 -36.74
N THR C 60 -6.18 19.41 -37.55
CA THR C 60 -7.00 19.63 -38.75
C THR C 60 -6.13 19.64 -40.02
N ASP C 61 -4.83 19.92 -39.83
CA ASP C 61 -3.83 19.79 -40.91
C ASP C 61 -3.09 18.46 -40.80
N GLU C 62 -3.15 17.69 -41.89
CA GLU C 62 -2.61 16.33 -41.91
C GLU C 62 -1.08 16.27 -41.93
N ALA C 63 -0.44 17.25 -42.57
CA ALA C 63 1.01 17.26 -42.69
C ALA C 63 1.68 17.61 -41.36
N GLU C 64 1.02 18.46 -40.59
CA GLU C 64 1.47 18.75 -39.24
C GLU C 64 1.41 17.49 -38.38
N LEU C 65 0.28 16.77 -38.46
CA LEU C 65 0.08 15.51 -37.76
C LEU C 65 1.16 14.50 -38.09
N ASP C 66 1.38 14.30 -39.39
CA ASP C 66 2.38 13.38 -39.87
C ASP C 66 3.78 13.65 -39.35
N SER C 67 4.02 14.88 -38.88
CA SER C 67 5.37 15.30 -38.54
C SER C 67 5.81 14.71 -37.18
N PHE C 68 4.83 14.17 -36.44
CA PHE C 68 5.09 13.47 -35.18
C PHE C 68 5.39 11.96 -35.35
N TYR C 69 5.22 11.44 -36.57
CA TYR C 69 5.47 10.02 -36.83
C TYR C 69 6.86 9.78 -37.41
N GLU C 70 7.38 8.57 -37.21
CA GLU C 70 8.62 8.14 -37.85
C GLU C 70 8.27 7.36 -39.11
N THR C 71 8.98 7.63 -40.20
CA THR C 71 8.83 6.85 -41.44
C THR C 71 9.93 5.79 -41.63
N GLU C 72 10.91 5.78 -40.73
CA GLU C 72 11.98 4.77 -40.75
C GLU C 72 12.44 4.59 -39.31
N MET C 73 13.08 3.46 -39.01
CA MET C 73 13.59 3.28 -37.67
C MET C 73 14.90 2.53 -37.62
N PRO C 74 16.03 3.24 -37.40
CA PRO C 74 16.11 4.68 -37.17
C PRO C 74 16.29 5.53 -38.44
N GLY C 75 15.95 6.81 -38.36
CA GLY C 75 16.37 7.78 -39.33
C GLY C 75 17.72 8.30 -38.86
N PRO C 76 18.39 9.12 -39.68
CA PRO C 76 19.67 9.70 -39.27
C PRO C 76 19.66 10.24 -37.83
N VAL C 77 18.62 10.97 -37.47
CA VAL C 77 18.58 11.66 -36.18
C VAL C 77 18.47 10.70 -34.97
N VAL C 78 17.76 9.60 -35.16
CA VAL C 78 17.56 8.65 -34.07
C VAL C 78 18.71 7.66 -34.06
N ARG C 79 19.28 7.39 -35.22
CA ARG C 79 20.40 6.47 -35.34
C ARG C 79 21.53 6.53 -34.25
N PRO C 80 21.94 7.74 -33.80
CA PRO C 80 22.90 7.79 -32.67
C PRO C 80 22.46 7.03 -31.42
N LEU C 81 21.16 6.80 -31.26
CA LEU C 81 20.63 6.06 -30.12
C LEU C 81 21.02 4.57 -30.24
N PHE C 82 20.99 4.07 -31.48
CA PHE C 82 21.30 2.70 -31.80
C PHE C 82 22.80 2.41 -31.84
N GLU C 83 23.56 3.34 -32.41
CA GLU C 83 25.00 3.16 -32.60
C GLU C 83 25.70 3.04 -31.27
N THR C 84 25.21 3.81 -30.30
CA THR C 84 25.80 3.86 -28.98
C THR C 84 25.61 2.57 -28.22
N ALA C 85 24.36 2.25 -27.87
CA ALA C 85 24.05 1.05 -27.12
C ALA C 85 24.57 -0.25 -27.79
N ALA C 86 24.73 -0.25 -29.11
CA ALA C 86 25.47 -1.32 -29.78
C ALA C 86 26.97 -1.34 -29.37
N GLU C 87 27.68 -0.22 -29.63
CA GLU C 87 29.05 0.03 -29.15
C GLU C 87 29.20 -0.26 -27.64
N LEU C 88 28.16 0.05 -26.89
CA LEU C 88 28.22 0.04 -25.44
C LEU C 88 27.63 -1.25 -24.88
N GLY C 89 26.87 -1.97 -25.70
CA GLY C 89 26.25 -3.24 -25.27
C GLY C 89 25.12 -3.13 -24.25
N ILE C 90 24.11 -2.33 -24.57
CA ILE C 90 22.86 -2.32 -23.82
C ILE C 90 21.69 -2.53 -24.78
N GLY C 91 20.69 -3.29 -24.35
CA GLY C 91 19.45 -3.38 -25.09
C GLY C 91 18.48 -2.30 -24.66
N PHE C 92 17.63 -1.87 -25.59
CA PHE C 92 16.56 -0.95 -25.18
C PHE C 92 15.17 -1.24 -25.75
N ASN C 93 14.17 -0.73 -25.04
CA ASN C 93 12.81 -0.73 -25.46
C ASN C 93 12.43 0.70 -25.76
N LEU C 94 12.29 1.03 -27.05
CA LEU C 94 11.91 2.37 -27.49
C LEU C 94 10.50 2.46 -28.09
N GLY C 95 9.67 3.36 -27.55
CA GLY C 95 8.34 3.70 -28.08
C GLY C 95 8.33 4.88 -29.06
N TYR C 96 7.49 4.78 -30.12
CA TYR C 96 7.37 5.83 -31.14
C TYR C 96 6.12 5.71 -32.02
N ALA C 97 5.82 6.77 -32.76
CA ALA C 97 4.71 6.78 -33.71
C ALA C 97 5.20 6.30 -35.05
N GLU C 98 4.55 5.22 -35.51
CA GLU C 98 4.91 4.57 -36.74
C GLU C 98 3.91 5.01 -37.83
N LEU C 99 4.44 5.65 -38.88
CA LEU C 99 3.69 5.99 -40.06
C LEU C 99 4.19 5.13 -41.20
N VAL C 100 3.29 4.33 -41.78
CA VAL C 100 3.64 3.48 -42.92
C VAL C 100 2.71 3.69 -44.12
N VAL C 101 3.26 3.58 -45.33
CA VAL C 101 2.48 3.83 -46.53
C VAL C 101 2.35 2.57 -47.38
N GLU C 102 1.10 2.10 -47.51
CA GLU C 102 0.79 0.84 -48.17
C GLU C 102 -0.14 1.05 -49.37
N GLY C 103 0.47 1.10 -50.55
CA GLY C 103 -0.22 1.49 -51.78
C GLY C 103 -0.97 2.80 -51.61
N GLY C 104 -0.24 3.86 -51.26
CA GLY C 104 -0.85 5.17 -50.99
C GLY C 104 -1.85 5.19 -49.83
N VAL C 105 -1.85 4.15 -49.01
CA VAL C 105 -2.68 4.16 -47.82
C VAL C 105 -1.81 4.31 -46.59
N LYS C 106 -2.20 5.23 -45.72
CA LYS C 106 -1.44 5.55 -44.53
C LYS C 106 -1.86 4.68 -43.35
N ARG C 107 -0.91 3.91 -42.83
CA ARG C 107 -1.11 3.15 -41.60
C ARG C 107 -0.58 3.99 -40.43
N ARG C 108 -1.33 4.01 -39.34
CA ARG C 108 -0.89 4.72 -38.16
C ARG C 108 -0.90 3.86 -36.91
N PHE C 109 0.28 3.63 -36.37
CA PHE C 109 0.44 2.80 -35.17
C PHE C 109 1.22 3.48 -34.03
N ASN C 110 0.77 3.19 -32.81
CA ASN C 110 1.52 3.52 -31.59
C ASN C 110 2.38 2.27 -31.24
N THR C 111 3.69 2.44 -31.32
CA THR C 111 4.63 1.35 -31.56
C THR C 111 5.81 1.31 -30.59
N SER C 112 6.26 0.09 -30.25
CA SER C 112 7.52 -0.09 -29.56
C SER C 112 8.35 -1.21 -30.17
N ILE C 113 9.66 -1.07 -30.04
CA ILE C 113 10.61 -2.06 -30.49
C ILE C 113 11.59 -2.44 -29.38
N LEU C 114 12.03 -3.69 -29.42
CA LEU C 114 13.09 -4.17 -28.59
C LEU C 114 14.31 -4.21 -29.45
N VAL C 115 15.40 -3.68 -28.92
CA VAL C 115 16.69 -3.67 -29.59
C VAL C 115 17.69 -4.37 -28.66
N ASP C 116 18.47 -5.31 -29.19
CA ASP C 116 19.37 -6.09 -28.33
C ASP C 116 20.74 -5.45 -28.13
N LYS C 117 21.59 -6.12 -27.34
CA LYS C 117 22.95 -5.67 -26.98
C LYS C 117 23.76 -5.17 -28.18
N SER C 118 23.44 -5.66 -29.37
CA SER C 118 24.23 -5.37 -30.57
C SER C 118 23.58 -4.34 -31.47
N GLY C 119 22.44 -3.81 -31.06
CA GLY C 119 21.82 -2.69 -31.76
C GLY C 119 20.90 -3.14 -32.88
N LYS C 120 20.53 -4.41 -32.84
CA LYS C 120 19.64 -4.99 -33.82
C LYS C 120 18.19 -5.00 -33.30
N ILE C 121 17.24 -4.51 -34.10
CA ILE C 121 15.80 -4.64 -33.78
C ILE C 121 15.35 -6.09 -33.89
N VAL C 122 14.99 -6.68 -32.75
CA VAL C 122 14.63 -8.10 -32.67
C VAL C 122 13.14 -8.37 -32.38
N GLY C 123 12.34 -7.32 -32.22
CA GLY C 123 10.92 -7.46 -32.03
C GLY C 123 10.12 -6.17 -32.10
N LYS C 124 8.87 -6.26 -32.54
CA LYS C 124 7.96 -5.12 -32.53
C LYS C 124 6.60 -5.44 -31.91
N TYR C 125 6.03 -4.43 -31.26
CA TYR C 125 4.68 -4.47 -30.72
C TYR C 125 3.99 -3.17 -31.14
N ARG C 126 2.71 -3.28 -31.49
CA ARG C 126 1.83 -2.13 -31.78
C ARG C 126 0.66 -2.09 -30.81
N LYS C 127 0.44 -0.93 -30.17
CA LYS C 127 -0.56 -0.79 -29.12
C LYS C 127 -1.90 -1.29 -29.57
N ILE C 128 -2.44 -2.23 -28.80
CA ILE C 128 -3.72 -2.83 -29.10
C ILE C 128 -4.90 -2.16 -28.36
N HIS C 129 -4.69 -1.77 -27.11
CA HIS C 129 -5.72 -1.08 -26.35
C HIS C 129 -5.58 0.43 -26.40
N LEU C 130 -6.11 1.04 -27.47
CA LEU C 130 -6.14 2.49 -27.67
C LEU C 130 -7.14 3.18 -26.73
N PRO C 131 -6.64 4.01 -25.79
CA PRO C 131 -7.55 4.67 -24.83
C PRO C 131 -8.10 5.98 -25.37
N GLY C 132 -9.03 6.58 -24.64
CA GLY C 132 -9.49 7.93 -24.93
C GLY C 132 -10.76 8.00 -25.75
N HIS C 133 -10.88 9.03 -26.58
CA HIS C 133 -12.09 9.28 -27.34
C HIS C 133 -11.73 9.48 -28.81
N LYS C 134 -12.68 9.24 -29.71
CA LYS C 134 -12.36 9.27 -31.15
C LYS C 134 -12.66 10.63 -31.82
N GLU C 135 -13.47 11.46 -31.16
CA GLU C 135 -13.77 12.79 -31.70
C GLU C 135 -13.69 13.93 -30.67
N TYR C 136 -13.29 15.12 -31.15
CA TYR C 136 -13.16 16.36 -30.36
C TYR C 136 -14.24 16.62 -29.31
N GLU C 137 -13.83 17.07 -28.13
CA GLU C 137 -14.76 17.40 -27.05
C GLU C 137 -14.42 18.77 -26.46
N ALA C 138 -15.36 19.71 -26.64
CA ALA C 138 -15.13 21.11 -26.33
C ALA C 138 -14.79 21.37 -24.85
N TYR C 139 -15.42 20.61 -23.96
CA TYR C 139 -15.32 20.85 -22.52
C TYR C 139 -13.96 20.47 -21.90
N ARG C 140 -13.15 19.70 -22.62
CA ARG C 140 -11.90 19.13 -22.07
C ARG C 140 -10.75 20.13 -22.06
N PRO C 141 -9.98 20.17 -20.95
CA PRO C 141 -8.77 21.00 -20.91
C PRO C 141 -7.78 20.58 -22.00
N PHE C 142 -7.52 19.28 -22.08
CA PHE C 142 -6.67 18.69 -23.11
C PHE C 142 -7.48 17.52 -23.71
N GLN C 143 -7.16 17.13 -24.93
CA GLN C 143 -7.88 16.04 -25.62
C GLN C 143 -7.17 14.70 -25.42
N HIS C 144 -7.78 13.60 -25.84
CA HIS C 144 -7.12 12.29 -25.86
C HIS C 144 -7.57 11.44 -27.06
N LEU C 145 -7.03 11.78 -28.23
CA LEU C 145 -7.55 11.29 -29.51
C LEU C 145 -6.72 10.17 -30.11
N GLU C 146 -6.36 9.17 -29.29
CA GLU C 146 -5.49 8.09 -29.73
C GLU C 146 -6.20 7.23 -30.76
N LYS C 147 -7.50 7.04 -30.54
CA LYS C 147 -8.36 6.27 -31.41
C LYS C 147 -8.41 6.86 -32.82
N ARG C 148 -8.13 8.16 -32.95
CA ARG C 148 -8.12 8.83 -34.26
C ARG C 148 -6.75 8.82 -34.93
N TYR C 149 -5.69 8.98 -34.13
CA TYR C 149 -4.33 9.07 -34.68
C TYR C 149 -3.64 7.72 -34.80
N PHE C 150 -4.24 6.70 -34.20
CA PHE C 150 -3.70 5.34 -34.35
C PHE C 150 -4.83 4.35 -34.62
N GLU C 151 -4.53 3.30 -35.36
CA GLU C 151 -5.42 2.14 -35.37
C GLU C 151 -4.85 1.06 -34.45
N PRO C 152 -5.72 0.19 -33.93
CA PRO C 152 -5.21 -0.82 -33.00
C PRO C 152 -4.18 -1.73 -33.66
N GLY C 153 -3.17 -2.13 -32.89
CA GLY C 153 -2.06 -2.92 -33.42
C GLY C 153 -2.41 -4.26 -34.03
N ASP C 154 -1.61 -4.70 -35.01
CA ASP C 154 -1.97 -5.89 -35.79
C ASP C 154 -0.97 -7.01 -35.55
N LEU C 155 -0.22 -6.90 -34.46
CA LEU C 155 0.79 -7.91 -34.16
C LEU C 155 0.46 -8.80 -32.97
N GLY C 156 -0.75 -8.64 -32.41
CA GLY C 156 -1.09 -9.25 -31.12
C GLY C 156 -0.06 -8.94 -30.05
N PHE C 157 0.08 -9.82 -29.05
CA PHE C 157 1.05 -9.64 -27.98
C PHE C 157 2.12 -10.70 -28.09
N PRO C 158 3.18 -10.44 -28.88
CA PRO C 158 4.25 -11.43 -28.94
C PRO C 158 5.26 -11.37 -27.77
N VAL C 159 6.05 -12.43 -27.68
CA VAL C 159 7.18 -12.52 -26.77
C VAL C 159 8.42 -12.82 -27.63
N TYR C 160 9.55 -12.22 -27.27
CA TYR C 160 10.73 -12.28 -28.10
C TYR C 160 11.92 -12.65 -27.24
N ASP C 161 12.88 -13.37 -27.82
CA ASP C 161 14.17 -13.58 -27.18
C ASP C 161 14.99 -12.34 -27.42
N VAL C 162 15.44 -11.70 -26.35
CA VAL C 162 16.37 -10.56 -26.47
C VAL C 162 17.64 -10.88 -25.70
N ASP C 163 18.72 -11.16 -26.42
CA ASP C 163 19.94 -11.66 -25.81
C ASP C 163 19.55 -12.85 -24.93
N ALA C 164 19.85 -12.81 -23.64
CA ALA C 164 19.52 -13.99 -22.86
C ALA C 164 18.03 -14.11 -22.41
N ALA C 165 17.20 -13.09 -22.64
CA ALA C 165 15.88 -13.02 -21.99
C ALA C 165 14.65 -13.09 -22.92
N LYS C 166 13.58 -13.69 -22.43
CA LYS C 166 12.32 -13.70 -23.15
C LYS C 166 11.51 -12.51 -22.66
N MET C 167 11.18 -11.62 -23.59
CA MET C 167 10.65 -10.32 -23.25
C MET C 167 9.34 -10.01 -23.97
N GLY C 168 8.41 -9.42 -23.25
CA GLY C 168 7.17 -9.02 -23.89
C GLY C 168 6.98 -7.54 -23.75
N MET C 169 6.33 -6.95 -24.75
CA MET C 169 5.95 -5.54 -24.72
C MET C 169 4.47 -5.29 -24.48
N PHE C 170 4.19 -4.24 -23.70
CA PHE C 170 2.86 -3.62 -23.63
C PHE C 170 3.13 -2.13 -23.90
N ILE C 171 2.11 -1.36 -24.22
CA ILE C 171 2.26 0.07 -24.30
C ILE C 171 1.15 0.76 -23.52
N CYS C 172 1.53 1.64 -22.59
CA CYS C 172 0.60 2.47 -21.83
C CYS C 172 -0.66 1.73 -21.27
N ASN C 173 -1.86 2.11 -21.71
CA ASN C 173 -3.18 1.61 -21.23
C ASN C 173 -3.32 0.07 -21.29
N ASP C 174 -2.60 -0.56 -22.21
CA ASP C 174 -2.44 -2.02 -22.25
C ASP C 174 -2.30 -2.67 -20.85
N ARG C 175 -1.59 -1.99 -19.95
CA ARG C 175 -1.18 -2.59 -18.66
C ARG C 175 -2.36 -2.79 -17.72
N ARG C 176 -3.49 -2.22 -18.09
CA ARG C 176 -4.66 -2.25 -17.24
C ARG C 176 -5.58 -3.38 -17.67
N TRP C 177 -5.16 -4.16 -18.65
CA TRP C 177 -5.93 -5.29 -19.17
C TRP C 177 -5.21 -6.56 -18.86
N PRO C 178 -5.83 -7.43 -18.06
CA PRO C 178 -5.30 -8.73 -17.69
C PRO C 178 -4.94 -9.58 -18.91
N GLU C 179 -5.66 -9.36 -20.01
CA GLU C 179 -5.45 -10.13 -21.24
C GLU C 179 -4.06 -9.88 -21.78
N THR C 180 -3.66 -8.61 -21.76
CA THR C 180 -2.32 -8.23 -22.20
C THR C 180 -1.30 -9.10 -21.51
N TRP C 181 -1.40 -9.14 -20.17
CA TRP C 181 -0.45 -9.86 -19.34
C TRP C 181 -0.52 -11.38 -19.58
N ARG C 182 -1.74 -11.91 -19.57
CA ARG C 182 -1.98 -13.36 -19.67
C ARG C 182 -1.51 -13.98 -20.97
N VAL C 183 -1.69 -13.27 -22.09
CA VAL C 183 -1.24 -13.75 -23.38
C VAL C 183 0.27 -13.95 -23.41
N MET C 184 1.05 -12.94 -23.00
CA MET C 184 2.52 -13.03 -22.90
C MET C 184 3.05 -13.96 -21.79
N GLY C 185 2.38 -13.98 -20.63
CA GLY C 185 2.65 -14.98 -19.60
C GLY C 185 2.51 -16.42 -20.12
N LEU C 186 1.48 -16.70 -20.91
CA LEU C 186 1.29 -18.03 -21.52
C LEU C 186 2.35 -18.38 -22.58
N LYS C 187 3.03 -17.36 -23.11
CA LYS C 187 4.11 -17.57 -24.05
C LYS C 187 5.46 -17.52 -23.34
N GLY C 188 5.42 -17.49 -22.01
CA GLY C 188 6.61 -17.63 -21.19
C GLY C 188 7.45 -16.37 -21.00
N ALA C 189 6.85 -15.19 -21.12
CA ALA C 189 7.60 -13.94 -20.91
C ALA C 189 8.23 -13.92 -19.50
N GLU C 190 9.50 -13.51 -19.45
CA GLU C 190 10.20 -13.41 -18.19
C GLU C 190 10.14 -11.96 -17.71
N ILE C 191 10.24 -11.04 -18.67
CA ILE C 191 10.16 -9.63 -18.42
C ILE C 191 9.08 -9.07 -19.34
N ILE C 192 8.08 -8.41 -18.77
CA ILE C 192 7.03 -7.74 -19.54
C ILE C 192 7.25 -6.24 -19.36
N CYS C 193 7.50 -5.51 -20.46
CA CYS C 193 7.85 -4.08 -20.31
C CYS C 193 7.29 -3.12 -21.34
N GLY C 194 7.23 -1.85 -20.96
CA GLY C 194 6.80 -0.78 -21.85
C GLY C 194 6.81 0.61 -21.21
N GLY C 195 6.37 1.60 -21.99
CA GLY C 195 6.27 2.96 -21.51
C GLY C 195 4.82 3.40 -21.37
N TYR C 196 4.63 4.63 -20.91
CA TYR C 196 3.29 5.18 -20.81
C TYR C 196 3.32 6.70 -20.75
N ASN C 197 2.19 7.31 -21.08
CA ASN C 197 1.91 8.72 -20.80
C ASN C 197 0.57 8.75 -20.13
N THR C 198 0.57 9.03 -18.83
CA THR C 198 -0.64 8.92 -18.02
C THR C 198 -0.90 10.25 -17.31
N PRO C 199 -1.82 11.05 -17.85
CA PRO C 199 -2.31 12.29 -17.24
C PRO C 199 -2.87 12.02 -15.87
N THR C 200 -2.54 12.89 -14.92
CA THR C 200 -3.09 12.76 -13.59
C THR C 200 -4.53 13.29 -13.51
N HIS C 201 -4.99 13.86 -14.62
CA HIS C 201 -6.38 14.28 -14.78
C HIS C 201 -7.10 13.58 -15.93
N ASN C 202 -8.26 13.03 -15.62
CA ASN C 202 -9.10 12.46 -16.63
C ASN C 202 -10.43 13.21 -16.63
N PRO C 203 -10.69 14.00 -17.67
CA PRO C 203 -11.90 14.85 -17.68
C PRO C 203 -13.27 14.13 -17.57
N PRO C 204 -13.49 13.04 -18.35
CA PRO C 204 -14.78 12.34 -18.17
C PRO C 204 -15.05 11.75 -16.76
N VAL C 205 -14.01 11.23 -16.09
CA VAL C 205 -14.15 10.70 -14.72
C VAL C 205 -13.08 11.25 -13.77
N PRO C 206 -13.22 12.52 -13.35
CA PRO C 206 -12.18 13.23 -12.56
C PRO C 206 -12.20 12.86 -11.07
N GLN C 207 -13.22 12.12 -10.65
CA GLN C 207 -13.30 11.65 -9.27
C GLN C 207 -12.37 10.45 -9.03
N HIS C 208 -11.55 10.12 -10.04
CA HIS C 208 -10.49 9.13 -9.89
C HIS C 208 -9.08 9.72 -10.07
N ASP C 209 -8.97 11.05 -10.18
CA ASP C 209 -7.63 11.64 -10.39
C ASP C 209 -6.65 11.31 -9.26
N HIS C 210 -7.18 11.23 -8.04
CA HIS C 210 -6.39 11.06 -6.83
C HIS C 210 -6.02 9.60 -6.65
N LEU C 211 -6.48 8.74 -7.60
CA LEU C 211 -6.17 7.32 -7.60
C LEU C 211 -5.23 6.96 -8.75
N THR C 212 -4.71 7.97 -9.45
CA THR C 212 -3.90 7.72 -10.64
C THR C 212 -2.71 6.83 -10.38
N SER C 213 -1.92 7.17 -9.35
CA SER C 213 -0.75 6.38 -8.94
C SER C 213 -1.19 5.00 -8.48
N PHE C 214 -2.14 4.95 -7.57
CA PHE C 214 -2.72 3.68 -7.17
C PHE C 214 -3.07 2.73 -8.34
N HIS C 215 -3.90 3.19 -9.29
CA HIS C 215 -4.33 2.37 -10.42
C HIS C 215 -3.18 1.91 -11.29
N HIS C 216 -2.20 2.80 -11.48
CA HIS C 216 -1.04 2.44 -12.28
C HIS C 216 -0.21 1.36 -11.59
N LEU C 217 0.26 1.66 -10.37
CA LEU C 217 1.09 0.73 -9.58
C LEU C 217 0.42 -0.61 -9.35
N LEU C 218 -0.90 -0.56 -9.14
CA LEU C 218 -1.69 -1.74 -8.84
C LEU C 218 -1.74 -2.71 -10.01
N SER C 219 -1.92 -2.15 -11.21
CA SER C 219 -1.90 -2.90 -12.47
C SER C 219 -0.61 -3.64 -12.72
N MET C 220 0.51 -2.99 -12.40
CA MET C 220 1.84 -3.52 -12.70
C MET C 220 2.19 -4.65 -11.74
N GLN C 221 1.87 -4.40 -10.47
CA GLN C 221 2.09 -5.36 -9.42
C GLN C 221 1.27 -6.61 -9.62
N CYS C 222 0.02 -6.46 -10.06
CA CYS C 222 -0.84 -7.64 -10.10
C CYS C 222 -0.58 -8.42 -11.36
N GLY C 223 -0.39 -7.71 -12.46
CA GLY C 223 0.03 -8.37 -13.66
C GLY C 223 1.28 -9.21 -13.44
N SER C 224 2.27 -8.64 -12.77
CA SER C 224 3.53 -9.37 -12.53
C SER C 224 3.31 -10.56 -11.67
N TYR C 225 2.63 -10.36 -10.55
CA TYR C 225 2.36 -11.43 -9.62
C TYR C 225 1.66 -12.61 -10.32
N GLN C 226 0.60 -12.31 -11.05
CA GLN C 226 -0.27 -13.37 -11.50
C GLN C 226 0.28 -14.16 -12.69
N ASN C 227 1.37 -13.65 -13.27
CA ASN C 227 2.02 -14.29 -14.41
C ASN C 227 3.44 -14.65 -14.10
N GLY C 228 3.85 -14.40 -12.87
CA GLY C 228 5.21 -14.69 -12.45
C GLY C 228 6.22 -14.00 -13.34
N ALA C 229 6.03 -12.71 -13.60
CA ALA C 229 6.94 -12.00 -14.48
C ALA C 229 7.50 -10.77 -13.80
N TRP C 230 8.76 -10.48 -14.13
CA TRP C 230 9.39 -9.21 -13.88
C TRP C 230 8.74 -8.20 -14.81
N SER C 231 8.52 -6.98 -14.33
CA SER C 231 8.03 -5.94 -15.22
C SER C 231 8.68 -4.58 -15.03
N ALA C 232 8.49 -3.73 -16.02
CA ALA C 232 9.08 -2.40 -16.03
C ALA C 232 8.11 -1.48 -16.76
N ALA C 233 7.89 -0.30 -16.19
CA ALA C 233 7.01 0.69 -16.82
C ALA C 233 7.73 2.00 -16.79
N ALA C 234 8.16 2.46 -17.97
CA ALA C 234 8.86 3.73 -18.11
C ALA C 234 7.93 4.86 -18.53
N GLY C 235 7.65 5.80 -17.65
CA GLY C 235 6.71 6.86 -18.02
C GLY C 235 7.38 8.08 -18.58
N LYS C 236 6.71 8.83 -19.45
CA LYS C 236 7.14 10.23 -19.72
C LYS C 236 6.23 11.06 -18.84
N VAL C 237 6.82 11.92 -18.03
CA VAL C 237 6.18 12.38 -16.82
C VAL C 237 6.33 13.89 -16.64
N GLY C 238 5.58 14.45 -15.68
CA GLY C 238 5.71 15.87 -15.37
C GLY C 238 4.82 16.75 -16.22
N MET C 239 5.12 18.05 -16.22
CA MET C 239 4.22 19.02 -16.84
C MET C 239 4.57 19.23 -18.30
N GLU C 240 3.81 18.59 -19.18
CA GLU C 240 4.06 18.68 -20.61
C GLU C 240 2.94 19.48 -21.29
N GLU C 241 3.31 20.64 -21.83
CA GLU C 241 2.40 21.52 -22.55
C GLU C 241 1.10 21.75 -21.80
N GLY C 242 1.23 22.14 -20.54
CA GLY C 242 0.08 22.53 -19.73
C GLY C 242 -0.62 21.36 -19.07
N CYS C 243 -0.17 20.15 -19.40
CA CYS C 243 -0.80 18.91 -18.91
C CYS C 243 0.17 18.07 -18.05
N MET C 244 -0.23 17.80 -16.80
CA MET C 244 0.61 17.05 -15.86
C MET C 244 0.55 15.52 -16.04
N LEU C 245 1.68 14.94 -16.44
CA LEU C 245 1.78 13.50 -16.63
C LEU C 245 2.30 12.80 -15.36
N LEU C 246 1.69 11.65 -15.02
CA LEU C 246 2.10 10.81 -13.88
C LEU C 246 3.55 10.29 -13.90
N GLY C 247 4.25 10.44 -12.77
CA GLY C 247 5.55 9.83 -12.58
C GLY C 247 5.44 8.37 -12.18
N HIS C 248 6.25 7.98 -11.19
CA HIS C 248 6.27 6.61 -10.66
C HIS C 248 6.60 5.51 -11.67
N SER C 249 7.62 5.73 -12.50
CA SER C 249 8.12 4.63 -13.32
C SER C 249 8.59 3.56 -12.34
N CYS C 250 8.46 2.28 -12.74
CA CYS C 250 8.80 1.21 -11.82
C CYS C 250 9.38 -0.04 -12.46
N ILE C 251 10.01 -0.84 -11.60
CA ILE C 251 10.38 -2.20 -11.93
C ILE C 251 9.74 -3.07 -10.85
N VAL C 252 9.15 -4.18 -11.28
CA VAL C 252 8.41 -5.09 -10.43
C VAL C 252 8.97 -6.51 -10.55
N ALA C 253 9.05 -7.23 -9.43
CA ALA C 253 9.46 -8.65 -9.40
C ALA C 253 8.26 -9.55 -9.69
N PRO C 254 8.51 -10.82 -10.04
CA PRO C 254 7.47 -11.81 -10.30
C PRO C 254 6.52 -12.05 -9.12
N THR C 255 6.90 -11.58 -7.93
CA THR C 255 6.07 -11.66 -6.75
C THR C 255 5.14 -10.46 -6.60
N GLY C 256 5.28 -9.46 -7.47
CA GLY C 256 4.40 -8.30 -7.38
C GLY C 256 5.00 -7.15 -6.60
N GLU C 257 6.19 -7.36 -6.08
CA GLU C 257 6.87 -6.37 -5.24
C GLU C 257 7.57 -5.36 -6.15
N ILE C 258 7.45 -4.07 -5.77
CA ILE C 258 8.10 -3.00 -6.50
C ILE C 258 9.52 -2.91 -5.95
N VAL C 259 10.50 -3.08 -6.82
CA VAL C 259 11.91 -3.16 -6.39
C VAL C 259 12.67 -1.87 -6.79
N ALA C 260 12.11 -1.09 -7.71
CA ALA C 260 12.57 0.29 -7.96
C ALA C 260 11.41 1.24 -8.29
N LEU C 261 11.56 2.52 -7.93
CA LEU C 261 10.51 3.54 -8.11
C LEU C 261 11.15 4.91 -8.35
N THR C 262 10.69 5.64 -9.37
CA THR C 262 11.24 6.98 -9.65
C THR C 262 10.65 7.96 -8.68
N THR C 263 11.38 9.03 -8.38
CA THR C 263 10.84 10.03 -7.45
C THR C 263 10.82 11.49 -7.99
N THR C 264 11.40 11.69 -9.17
CA THR C 264 11.39 12.98 -9.85
C THR C 264 10.45 13.00 -11.05
N LEU C 265 10.08 14.21 -11.49
CA LEU C 265 9.27 14.36 -12.71
C LEU C 265 10.16 14.83 -13.85
N GLU C 266 11.43 14.43 -13.79
CA GLU C 266 12.43 14.80 -14.77
C GLU C 266 13.05 13.49 -15.26
N ASP C 267 13.87 13.53 -16.31
CA ASP C 267 14.59 12.35 -16.72
C ASP C 267 15.21 11.65 -15.51
N GLU C 268 15.16 10.31 -15.51
CA GLU C 268 15.61 9.56 -14.35
C GLU C 268 15.78 8.08 -14.63
N VAL C 269 16.97 7.56 -14.32
CA VAL C 269 17.29 6.14 -14.44
C VAL C 269 17.10 5.37 -13.11
N ILE C 270 16.40 4.25 -13.18
CA ILE C 270 16.31 3.34 -12.05
C ILE C 270 16.73 1.97 -12.55
N THR C 271 17.24 1.16 -11.64
CA THR C 271 17.73 -0.18 -11.96
C THR C 271 17.31 -1.18 -10.90
N ALA C 272 17.30 -2.45 -11.30
CA ALA C 272 17.05 -3.50 -10.35
C ALA C 272 17.66 -4.76 -10.88
N ALA C 273 18.17 -5.58 -9.98
CA ALA C 273 18.75 -6.84 -10.33
C ALA C 273 17.65 -7.85 -10.68
N LEU C 274 17.78 -8.45 -11.88
CA LEU C 274 16.82 -9.42 -12.39
C LEU C 274 17.41 -10.80 -12.51
N ASP C 275 16.77 -11.72 -11.78
CA ASP C 275 17.08 -13.12 -11.87
C ASP C 275 15.99 -13.82 -12.69
N LEU C 276 16.30 -14.17 -13.93
CA LEU C 276 15.29 -14.69 -14.83
C LEU C 276 14.65 -16.01 -14.36
N ASP C 277 15.36 -16.80 -13.53
CA ASP C 277 14.76 -18.02 -12.96
C ASP C 277 13.88 -17.78 -11.76
N ARG C 278 13.75 -16.54 -11.29
CA ARG C 278 12.83 -16.29 -10.17
C ARG C 278 11.36 -16.48 -10.54
N CYS C 279 11.07 -16.37 -11.83
CA CYS C 279 9.73 -16.55 -12.35
C CYS C 279 9.20 -17.90 -11.92
N ARG C 280 10.11 -18.85 -11.74
CA ARG C 280 9.77 -20.20 -11.28
C ARG C 280 9.19 -20.22 -9.88
N GLU C 281 9.38 -19.15 -9.10
CA GLU C 281 8.75 -19.07 -7.77
C GLU C 281 7.22 -19.12 -7.81
N LEU C 282 6.67 -18.69 -8.94
CA LEU C 282 5.23 -18.60 -9.17
C LEU C 282 4.79 -19.62 -10.22
N ARG C 283 5.57 -19.70 -11.29
CA ARG C 283 5.20 -20.43 -12.49
C ARG C 283 5.48 -21.92 -12.38
N GLU C 284 6.10 -22.32 -11.28
CA GLU C 284 6.35 -23.74 -11.04
C GLU C 284 5.60 -24.18 -9.79
N HIS C 285 4.68 -23.35 -9.34
CA HIS C 285 3.99 -23.55 -8.08
C HIS C 285 2.57 -23.02 -8.09
N ILE C 286 2.31 -21.91 -7.41
CA ILE C 286 0.92 -21.46 -7.27
C ILE C 286 0.28 -21.18 -8.64
N PHE C 287 1.06 -20.57 -9.53
CA PHE C 287 0.60 -20.33 -10.90
C PHE C 287 1.32 -21.26 -11.86
N ASN C 288 1.23 -22.55 -11.53
CA ASN C 288 1.67 -23.59 -12.42
C ASN C 288 0.49 -23.78 -13.38
N PHE C 289 0.52 -22.98 -14.44
CA PHE C 289 -0.54 -22.91 -15.44
C PHE C 289 -1.01 -24.29 -15.83
N LYS C 290 -0.06 -25.09 -16.31
CA LYS C 290 -0.35 -26.37 -16.94
C LYS C 290 -1.04 -27.33 -15.96
N ALA C 291 -0.83 -27.10 -14.67
CA ALA C 291 -1.46 -27.88 -13.60
C ALA C 291 -2.83 -27.32 -13.18
N HIS C 292 -2.92 -26.00 -13.02
CA HIS C 292 -4.08 -25.40 -12.35
C HIS C 292 -5.14 -24.72 -13.19
N ARG C 293 -4.76 -24.22 -14.36
CA ARG C 293 -5.68 -23.47 -15.20
C ARG C 293 -6.75 -24.38 -15.78
N GLN C 294 -7.92 -23.80 -16.06
CA GLN C 294 -9.04 -24.56 -16.59
C GLN C 294 -9.67 -23.86 -17.79
N PRO C 295 -8.90 -23.74 -18.88
CA PRO C 295 -9.22 -22.93 -20.07
C PRO C 295 -10.52 -23.29 -20.80
N GLN C 296 -11.05 -24.48 -20.58
CA GLN C 296 -12.34 -24.82 -21.19
C GLN C 296 -13.44 -23.98 -20.52
N HIS C 297 -13.12 -23.43 -19.35
CA HIS C 297 -14.05 -22.50 -18.72
C HIS C 297 -13.73 -21.04 -18.94
N TYR C 298 -12.82 -20.74 -19.87
CA TYR C 298 -12.48 -19.34 -20.14
C TYR C 298 -12.94 -18.83 -21.52
N GLY C 299 -13.73 -19.61 -22.24
CA GLY C 299 -14.03 -19.28 -23.65
C GLY C 299 -14.57 -17.88 -23.88
N LEU C 300 -15.32 -17.35 -22.93
CA LEU C 300 -16.04 -16.08 -23.12
C LEU C 300 -15.02 -14.96 -23.34
N ILE C 301 -13.86 -15.15 -22.74
CA ILE C 301 -12.80 -14.17 -22.79
C ILE C 301 -12.32 -13.97 -24.22
N ALA C 302 -12.34 -15.03 -25.01
CA ALA C 302 -11.82 -15.00 -26.40
C ALA C 302 -12.92 -14.80 -27.49
N GLU C 303 -14.17 -14.67 -27.06
CA GLU C 303 -15.33 -14.47 -27.94
C GLU C 303 -15.41 -13.04 -28.51
N PHE C 304 -15.80 -12.91 -29.77
CA PHE C 304 -15.92 -11.62 -30.42
C PHE C 304 -16.68 -11.74 -31.73
N ARG D 3 -30.68 -1.01 -5.76
CA ARG D 3 -29.61 -0.20 -6.40
C ARG D 3 -28.50 0.25 -5.42
N GLN D 4 -28.89 0.66 -4.21
CA GLN D 4 -27.96 0.78 -3.10
C GLN D 4 -28.22 -0.27 -2.05
N MET D 5 -27.16 -0.80 -1.45
CA MET D 5 -27.33 -1.76 -0.38
C MET D 5 -26.23 -1.65 0.68
N ILE D 6 -26.38 -2.36 1.79
CA ILE D 6 -25.30 -2.47 2.77
C ILE D 6 -24.82 -3.92 2.67
N LEU D 7 -23.60 -4.10 2.13
CA LEU D 7 -23.04 -5.43 2.00
C LEU D 7 -22.22 -5.77 3.23
N ALA D 8 -22.10 -7.06 3.54
CA ALA D 8 -21.30 -7.48 4.67
C ALA D 8 -20.51 -8.75 4.44
N VAL D 9 -19.40 -8.83 5.15
CA VAL D 9 -18.61 -10.03 5.25
C VAL D 9 -18.68 -10.54 6.68
N GLY D 10 -19.00 -11.82 6.84
CA GLY D 10 -18.91 -12.42 8.16
C GLY D 10 -17.74 -13.37 8.29
N GLN D 11 -16.63 -12.83 8.76
CA GLN D 11 -15.41 -13.59 8.98
C GLN D 11 -15.53 -14.54 10.16
N GLN D 12 -14.97 -15.73 10.03
CA GLN D 12 -15.02 -16.75 11.08
C GLN D 12 -13.67 -16.88 11.79
N GLY D 13 -13.68 -17.06 13.11
CA GLY D 13 -12.48 -17.51 13.78
C GLY D 13 -12.29 -19.00 13.50
N PRO D 14 -11.27 -19.61 14.14
CA PRO D 14 -11.04 -21.05 13.93
C PRO D 14 -12.28 -21.91 14.20
N ILE D 15 -12.44 -22.99 13.47
CA ILE D 15 -13.41 -24.02 13.85
C ILE D 15 -12.65 -25.28 14.19
N ALA D 16 -12.87 -25.78 15.41
CA ALA D 16 -12.20 -26.98 15.89
C ALA D 16 -12.75 -28.23 15.22
N ARG D 17 -11.90 -29.25 15.11
CA ARG D 17 -12.30 -30.59 14.67
C ARG D 17 -13.43 -31.17 15.56
N ALA D 18 -13.43 -30.80 16.84
CA ALA D 18 -14.39 -31.30 17.82
C ALA D 18 -15.61 -30.39 17.98
N GLU D 19 -15.60 -29.25 17.30
CA GLU D 19 -16.72 -28.31 17.37
C GLU D 19 -17.85 -28.77 16.45
N THR D 20 -19.07 -28.82 16.95
CA THR D 20 -20.14 -29.41 16.14
C THR D 20 -20.68 -28.44 15.10
N ARG D 21 -21.37 -28.94 14.08
CA ARG D 21 -21.94 -28.08 13.06
C ARG D 21 -22.94 -27.15 13.74
N GLU D 22 -23.51 -27.62 14.84
CA GLU D 22 -24.54 -26.84 15.49
C GLU D 22 -23.92 -25.63 16.16
N GLN D 23 -22.75 -25.84 16.76
CA GLN D 23 -22.06 -24.77 17.43
C GLN D 23 -21.62 -23.70 16.43
N VAL D 24 -21.10 -24.16 15.29
CA VAL D 24 -20.77 -23.29 14.16
C VAL D 24 -22.00 -22.54 13.63
N VAL D 25 -23.13 -23.21 13.55
CA VAL D 25 -24.32 -22.54 13.07
C VAL D 25 -24.68 -21.43 14.04
N GLY D 26 -24.46 -21.68 15.34
CA GLY D 26 -24.90 -20.75 16.37
C GLY D 26 -24.06 -19.50 16.24
N ARG D 27 -22.75 -19.70 16.03
CA ARG D 27 -21.80 -18.61 15.77
C ARG D 27 -22.23 -17.81 14.55
N LEU D 28 -22.48 -18.50 13.45
CA LEU D 28 -22.95 -17.84 12.23
C LEU D 28 -24.20 -16.99 12.50
N LEU D 29 -25.06 -17.50 13.37
CA LEU D 29 -26.32 -16.85 13.67
C LEU D 29 -26.12 -15.54 14.46
N ASP D 30 -25.07 -15.48 15.26
CA ASP D 30 -24.69 -14.27 15.98
C ASP D 30 -24.18 -13.18 15.06
N MET D 31 -23.47 -13.58 14.01
CA MET D 31 -22.98 -12.61 13.04
C MET D 31 -24.15 -12.06 12.23
N LEU D 32 -25.13 -12.91 11.96
CA LEU D 32 -26.38 -12.47 11.38
C LEU D 32 -27.05 -11.40 12.25
N THR D 33 -27.13 -11.66 13.55
CA THR D 33 -27.79 -10.72 14.46
C THR D 33 -27.05 -9.36 14.53
N ASN D 34 -25.73 -9.43 14.74
CA ASN D 34 -24.82 -8.31 14.59
C ASN D 34 -25.02 -7.52 13.29
N ALA D 35 -25.10 -8.26 12.19
CA ALA D 35 -25.31 -7.65 10.87
C ALA D 35 -26.66 -6.92 10.77
N ALA D 36 -27.76 -7.54 11.20
CA ALA D 36 -29.08 -6.87 11.14
C ALA D 36 -29.04 -5.53 11.89
N SER D 37 -28.48 -5.60 13.09
CA SER D 37 -28.13 -4.46 13.92
C SER D 37 -27.52 -3.26 13.16
N ARG D 38 -26.87 -3.55 12.02
CA ARG D 38 -26.09 -2.54 11.29
C ARG D 38 -26.58 -2.31 9.85
N GLY D 39 -27.87 -2.53 9.63
CA GLY D 39 -28.53 -2.27 8.35
C GLY D 39 -28.08 -3.12 7.16
N VAL D 40 -27.70 -4.36 7.42
CA VAL D 40 -27.12 -5.22 6.39
C VAL D 40 -28.20 -5.95 5.58
N ASN D 41 -28.05 -5.92 4.26
CA ASN D 41 -28.97 -6.64 3.37
C ASN D 41 -28.37 -7.94 2.86
N PHE D 42 -27.06 -8.09 2.94
CA PHE D 42 -26.41 -9.29 2.40
C PHE D 42 -25.09 -9.51 3.07
N ILE D 43 -24.82 -10.74 3.53
CA ILE D 43 -23.57 -11.06 4.19
C ILE D 43 -22.88 -12.25 3.53
N VAL D 44 -21.56 -12.16 3.42
CA VAL D 44 -20.77 -13.19 2.81
C VAL D 44 -20.09 -13.97 3.92
N PHE D 45 -20.24 -15.29 3.89
CA PHE D 45 -19.55 -16.16 4.84
C PHE D 45 -18.44 -16.94 4.15
N PRO D 46 -17.50 -17.47 4.92
CA PRO D 46 -16.29 -18.09 4.38
C PRO D 46 -16.51 -19.37 3.59
N GLU D 47 -15.40 -19.79 2.94
CA GLU D 47 -15.24 -21.06 2.24
C GLU D 47 -15.28 -22.20 3.26
N LEU D 48 -16.09 -23.23 2.97
CA LEU D 48 -16.20 -24.43 3.81
C LEU D 48 -16.48 -24.05 5.23
N ALA D 49 -17.59 -23.33 5.42
CA ALA D 49 -17.91 -22.59 6.64
C ALA D 49 -18.38 -23.44 7.81
N LEU D 50 -18.63 -24.72 7.56
CA LEU D 50 -19.32 -25.55 8.53
C LEU D 50 -18.43 -26.51 9.26
N THR D 51 -17.17 -26.58 8.84
CA THR D 51 -16.27 -27.59 9.36
C THR D 51 -14.89 -27.01 9.51
N THR D 52 -14.04 -27.69 10.28
CA THR D 52 -12.63 -27.35 10.29
C THR D 52 -12.18 -27.56 8.85
N PHE D 53 -11.01 -27.04 8.51
CA PHE D 53 -10.47 -27.21 7.16
C PHE D 53 -9.79 -28.57 7.06
N PHE D 54 -10.61 -29.61 6.90
CA PHE D 54 -10.14 -30.99 6.85
C PHE D 54 -9.09 -31.34 5.76
N PRO D 55 -9.09 -30.64 4.59
CA PRO D 55 -8.07 -31.01 3.57
C PRO D 55 -6.61 -30.93 4.05
N ARG D 56 -6.41 -30.46 5.27
CA ARG D 56 -5.08 -30.40 5.83
C ARG D 56 -4.58 -31.77 6.30
N TRP D 57 -5.49 -32.72 6.51
CA TRP D 57 -5.09 -34.08 6.91
C TRP D 57 -5.23 -35.15 5.83
N HIS D 58 -4.43 -36.19 5.95
CA HIS D 58 -4.58 -37.37 5.11
C HIS D 58 -5.56 -38.34 5.78
N PHE D 59 -6.65 -38.67 5.09
CA PHE D 59 -7.64 -39.63 5.61
C PHE D 59 -7.50 -40.99 4.93
N THR D 60 -7.62 -42.08 5.68
CA THR D 60 -7.64 -43.43 5.10
C THR D 60 -9.03 -44.06 5.23
N ASP D 61 -9.68 -43.83 6.36
CA ASP D 61 -11.06 -44.23 6.59
C ASP D 61 -11.95 -43.30 5.78
N GLU D 62 -12.88 -43.85 5.01
CA GLU D 62 -13.73 -43.03 4.12
C GLU D 62 -14.96 -42.43 4.82
N ALA D 63 -15.65 -43.23 5.63
CA ALA D 63 -16.83 -42.73 6.31
C ALA D 63 -16.52 -41.47 7.12
N GLU D 64 -15.29 -41.36 7.60
CA GLU D 64 -14.91 -40.19 8.37
C GLU D 64 -14.56 -38.99 7.47
N LEU D 65 -14.02 -39.25 6.27
CA LEU D 65 -13.79 -38.18 5.29
C LEU D 65 -15.14 -37.62 4.87
N ASP D 66 -16.11 -38.50 4.74
CA ASP D 66 -17.42 -38.14 4.26
C ASP D 66 -18.15 -37.32 5.30
N SER D 67 -17.78 -37.50 6.56
CA SER D 67 -18.47 -36.78 7.63
C SER D 67 -18.44 -35.27 7.39
N PHE D 68 -17.33 -34.79 6.82
CA PHE D 68 -17.17 -33.36 6.64
C PHE D 68 -18.03 -32.74 5.52
N TYR D 69 -18.77 -33.58 4.79
CA TYR D 69 -19.57 -33.14 3.66
C TYR D 69 -21.06 -32.99 3.98
N GLU D 70 -21.74 -32.15 3.22
CA GLU D 70 -23.20 -32.01 3.31
C GLU D 70 -23.86 -32.84 2.20
N THR D 71 -24.95 -33.51 2.52
CA THR D 71 -25.63 -34.38 1.55
C THR D 71 -26.91 -33.67 1.05
N GLU D 72 -27.26 -32.61 1.77
CA GLU D 72 -28.32 -31.71 1.35
C GLU D 72 -28.04 -30.32 1.91
N MET D 73 -28.65 -29.33 1.30
CA MET D 73 -28.51 -27.96 1.73
C MET D 73 -29.87 -27.27 1.65
N PRO D 74 -30.49 -26.98 2.81
CA PRO D 74 -30.02 -27.21 4.17
C PRO D 74 -30.31 -28.60 4.77
N GLY D 75 -29.45 -29.02 5.69
CA GLY D 75 -29.76 -30.15 6.56
C GLY D 75 -30.52 -29.57 7.76
N PRO D 76 -31.12 -30.44 8.58
CA PRO D 76 -31.78 -29.96 9.77
C PRO D 76 -30.93 -29.01 10.62
N VAL D 77 -29.64 -29.31 10.74
CA VAL D 77 -28.71 -28.51 11.56
C VAL D 77 -28.50 -27.09 11.04
N VAL D 78 -28.59 -26.93 9.72
CA VAL D 78 -28.27 -25.68 9.03
C VAL D 78 -29.52 -24.88 8.75
N ARG D 79 -30.66 -25.57 8.80
CA ARG D 79 -31.94 -24.93 8.52
C ARG D 79 -32.15 -23.66 9.35
N PRO D 80 -31.76 -23.69 10.65
CA PRO D 80 -31.95 -22.49 11.49
C PRO D 80 -31.29 -21.22 10.90
N LEU D 81 -30.18 -21.38 10.18
CA LEU D 81 -29.47 -20.23 9.58
C LEU D 81 -30.25 -19.65 8.41
N PHE D 82 -30.94 -20.53 7.70
CA PHE D 82 -31.75 -20.17 6.55
C PHE D 82 -33.02 -19.46 6.98
N GLU D 83 -33.62 -19.98 8.06
CA GLU D 83 -34.87 -19.46 8.60
C GLU D 83 -34.64 -18.09 9.22
N THR D 84 -33.58 -17.96 10.02
CA THR D 84 -33.27 -16.66 10.63
C THR D 84 -32.97 -15.55 9.62
N ALA D 85 -32.10 -15.84 8.65
CA ALA D 85 -31.74 -14.86 7.64
C ALA D 85 -32.97 -14.45 6.85
N ALA D 86 -33.74 -15.45 6.42
CA ALA D 86 -35.05 -15.24 5.78
C ALA D 86 -35.96 -14.33 6.60
N GLU D 87 -36.05 -14.62 7.89
CA GLU D 87 -36.82 -13.81 8.81
C GLU D 87 -36.27 -12.39 8.93
N LEU D 88 -34.94 -12.25 8.88
CA LEU D 88 -34.31 -10.94 9.02
C LEU D 88 -34.27 -10.14 7.73
N GLY D 89 -34.69 -10.78 6.63
CA GLY D 89 -34.61 -10.18 5.30
C GLY D 89 -33.18 -10.02 4.80
N ILE D 90 -32.27 -10.86 5.26
CA ILE D 90 -30.87 -10.75 4.89
C ILE D 90 -30.46 -11.96 4.05
N GLY D 91 -29.95 -11.71 2.83
CA GLY D 91 -29.36 -12.75 1.98
C GLY D 91 -27.92 -13.11 2.37
N PHE D 92 -27.40 -14.21 1.82
CA PHE D 92 -26.02 -14.61 2.15
C PHE D 92 -25.31 -15.53 1.14
N ASN D 93 -23.99 -15.55 1.25
CA ASN D 93 -23.14 -16.46 0.47
C ASN D 93 -22.52 -17.43 1.48
N LEU D 94 -22.93 -18.69 1.44
CA LEU D 94 -22.42 -19.72 2.34
C LEU D 94 -21.60 -20.75 1.57
N GLY D 95 -20.41 -21.08 2.06
CA GLY D 95 -19.56 -22.12 1.45
C GLY D 95 -19.59 -23.40 2.28
N TYR D 96 -19.53 -24.54 1.62
CA TYR D 96 -19.54 -25.82 2.34
C TYR D 96 -19.01 -26.90 1.44
N ALA D 97 -18.66 -28.04 2.04
CA ALA D 97 -18.25 -29.23 1.29
C ALA D 97 -19.48 -29.99 0.80
N GLU D 98 -19.62 -30.17 -0.51
CA GLU D 98 -20.78 -30.83 -1.12
C GLU D 98 -20.47 -32.25 -1.63
N LEU D 99 -21.26 -33.23 -1.19
CA LEU D 99 -21.14 -34.61 -1.62
C LEU D 99 -22.40 -35.04 -2.37
N VAL D 100 -22.25 -35.31 -3.66
CA VAL D 100 -23.37 -35.79 -4.45
C VAL D 100 -23.01 -37.04 -5.26
N VAL D 101 -23.92 -38.00 -5.22
CA VAL D 101 -23.74 -39.28 -5.88
C VAL D 101 -24.58 -39.21 -7.11
N GLU D 102 -23.97 -39.41 -8.28
CA GLU D 102 -24.76 -39.50 -9.52
C GLU D 102 -24.17 -40.51 -10.52
N GLY D 103 -25.07 -41.27 -11.15
CA GLY D 103 -24.70 -42.36 -12.06
C GLY D 103 -23.55 -43.25 -11.61
N GLY D 104 -23.58 -43.72 -10.36
CA GLY D 104 -22.54 -44.62 -9.86
C GLY D 104 -21.26 -43.96 -9.36
N VAL D 105 -21.23 -42.62 -9.40
CA VAL D 105 -20.05 -41.84 -8.99
C VAL D 105 -20.32 -40.95 -7.76
N LYS D 106 -19.43 -41.07 -6.78
CA LYS D 106 -19.45 -40.21 -5.61
C LYS D 106 -18.72 -38.91 -5.99
N ARG D 107 -19.48 -37.86 -6.28
CA ARG D 107 -18.88 -36.58 -6.63
C ARG D 107 -18.66 -35.72 -5.38
N ARG D 108 -17.44 -35.21 -5.26
CA ARG D 108 -17.05 -34.28 -4.19
C ARG D 108 -16.71 -32.88 -4.72
N PHE D 109 -17.44 -31.87 -4.25
CA PHE D 109 -17.22 -30.48 -4.65
C PHE D 109 -17.01 -29.53 -3.44
N ASN D 110 -16.16 -28.53 -3.64
CA ASN D 110 -16.03 -27.36 -2.76
C ASN D 110 -17.00 -26.28 -3.28
N THR D 111 -18.08 -26.06 -2.56
CA THR D 111 -19.26 -25.39 -3.13
C THR D 111 -19.66 -24.13 -2.36
N SER D 112 -20.14 -23.11 -3.07
CA SER D 112 -20.79 -22.01 -2.37
C SER D 112 -22.14 -21.69 -2.98
N ILE D 113 -23.03 -21.14 -2.17
CA ILE D 113 -24.34 -20.73 -2.66
C ILE D 113 -24.68 -19.27 -2.35
N LEU D 114 -25.48 -18.66 -3.23
CA LEU D 114 -26.10 -17.36 -2.98
C LEU D 114 -27.53 -17.58 -2.55
N VAL D 115 -27.95 -16.94 -1.47
CA VAL D 115 -29.33 -17.01 -0.98
C VAL D 115 -29.93 -15.59 -0.82
N ASP D 116 -31.11 -15.33 -1.40
CA ASP D 116 -31.65 -13.97 -1.40
C ASP D 116 -32.39 -13.62 -0.10
N LYS D 117 -32.79 -12.36 0.06
CA LYS D 117 -33.59 -11.87 1.21
C LYS D 117 -34.75 -12.80 1.61
N SER D 118 -35.44 -13.34 0.61
CA SER D 118 -36.62 -14.17 0.84
C SER D 118 -36.22 -15.54 1.34
N GLY D 119 -34.95 -15.91 1.14
CA GLY D 119 -34.45 -17.18 1.68
C GLY D 119 -34.42 -18.26 0.62
N LYS D 120 -34.65 -17.85 -0.62
CA LYS D 120 -34.46 -18.71 -1.78
C LYS D 120 -32.99 -18.89 -2.20
N ILE D 121 -32.55 -20.15 -2.36
CA ILE D 121 -31.26 -20.46 -2.99
C ILE D 121 -31.26 -20.11 -4.48
N VAL D 122 -30.63 -18.99 -4.83
CA VAL D 122 -30.77 -18.47 -6.17
C VAL D 122 -29.67 -18.89 -7.12
N GLY D 123 -28.62 -19.52 -6.61
CA GLY D 123 -27.51 -19.96 -7.44
C GLY D 123 -26.43 -20.67 -6.66
N LYS D 124 -25.77 -21.61 -7.33
CA LYS D 124 -24.66 -22.41 -6.79
C LYS D 124 -23.38 -22.28 -7.65
N TYR D 125 -22.22 -22.31 -6.98
CA TYR D 125 -20.92 -22.33 -7.65
C TYR D 125 -20.08 -23.43 -7.04
N ARG D 126 -19.26 -24.10 -7.84
CA ARG D 126 -18.33 -25.12 -7.35
C ARG D 126 -16.89 -24.81 -7.76
N LYS D 127 -16.00 -24.77 -6.77
CA LYS D 127 -14.63 -24.30 -6.97
C LYS D 127 -13.95 -24.93 -8.18
N ILE D 128 -13.47 -24.09 -9.10
CA ILE D 128 -12.80 -24.57 -10.32
C ILE D 128 -11.26 -24.71 -10.22
N HIS D 129 -10.59 -23.75 -9.59
CA HIS D 129 -9.14 -23.79 -9.43
C HIS D 129 -8.74 -24.35 -8.06
N LEU D 130 -8.69 -25.66 -7.96
CA LEU D 130 -8.30 -26.30 -6.70
C LEU D 130 -6.78 -26.18 -6.51
N PRO D 131 -6.35 -25.63 -5.35
CA PRO D 131 -4.93 -25.55 -5.07
C PRO D 131 -4.47 -26.78 -4.27
N GLY D 132 -3.18 -26.82 -3.91
CA GLY D 132 -2.63 -27.91 -3.13
C GLY D 132 -2.08 -29.05 -3.99
N HIS D 133 -2.20 -30.27 -3.48
CA HIS D 133 -1.68 -31.46 -4.15
C HIS D 133 -2.67 -32.64 -4.09
N LYS D 134 -2.50 -33.58 -5.02
CA LYS D 134 -3.35 -34.80 -5.16
C LYS D 134 -2.98 -35.97 -4.20
N GLU D 135 -1.69 -36.26 -4.03
CA GLU D 135 -1.27 -37.34 -3.11
C GLU D 135 -0.42 -36.85 -1.94
N TYR D 136 -0.53 -37.55 -0.80
CA TYR D 136 0.24 -37.23 0.42
C TYR D 136 1.72 -36.91 0.15
N GLU D 137 2.22 -35.83 0.75
CA GLU D 137 3.60 -35.37 0.54
C GLU D 137 4.43 -35.23 1.83
N ALA D 138 5.64 -35.78 1.82
CA ALA D 138 6.46 -35.97 3.04
C ALA D 138 6.97 -34.68 3.70
N TYR D 139 7.59 -33.83 2.89
CA TYR D 139 8.19 -32.56 3.34
C TYR D 139 7.21 -31.54 3.90
N ARG D 140 5.95 -31.92 4.06
CA ARG D 140 4.93 -30.94 4.40
C ARG D 140 4.55 -30.90 5.89
N PRO D 141 4.79 -29.75 6.53
CA PRO D 141 4.38 -29.43 7.92
C PRO D 141 2.86 -29.51 8.11
N PHE D 142 2.12 -29.33 7.02
CA PHE D 142 0.69 -29.67 6.98
C PHE D 142 0.34 -30.08 5.54
N GLN D 143 -0.78 -30.75 5.37
CA GLN D 143 -1.18 -31.16 4.02
C GLN D 143 -2.13 -30.13 3.42
N HIS D 144 -2.20 -30.08 2.08
CA HIS D 144 -3.21 -29.29 1.39
C HIS D 144 -3.78 -30.10 0.23
N LEU D 145 -4.73 -30.98 0.57
CA LEU D 145 -5.19 -32.00 -0.37
C LEU D 145 -6.54 -31.71 -1.05
N GLU D 146 -6.78 -30.46 -1.43
CA GLU D 146 -7.99 -30.14 -2.20
C GLU D 146 -8.09 -30.92 -3.50
N LYS D 147 -6.97 -31.14 -4.18
CA LYS D 147 -6.96 -31.89 -5.44
C LYS D 147 -7.33 -33.37 -5.26
N ARG D 148 -7.27 -33.86 -4.03
CA ARG D 148 -7.63 -35.23 -3.72
C ARG D 148 -9.08 -35.34 -3.21
N TYR D 149 -9.54 -34.33 -2.46
CA TYR D 149 -10.85 -34.37 -1.79
C TYR D 149 -11.95 -33.67 -2.55
N PHE D 150 -11.58 -32.99 -3.62
CA PHE D 150 -12.55 -32.22 -4.40
C PHE D 150 -12.15 -32.42 -5.85
N GLU D 151 -13.12 -32.38 -6.75
CA GLU D 151 -12.80 -32.33 -8.17
C GLU D 151 -13.25 -30.97 -8.70
N PRO D 152 -12.56 -30.44 -9.74
CA PRO D 152 -12.81 -29.08 -10.27
C PRO D 152 -14.27 -28.87 -10.62
N GLY D 153 -14.84 -27.74 -10.21
CA GLY D 153 -16.29 -27.57 -10.24
C GLY D 153 -16.80 -27.63 -11.66
N ASP D 154 -18.08 -28.01 -11.81
CA ASP D 154 -18.68 -28.27 -13.11
C ASP D 154 -19.73 -27.23 -13.51
N LEU D 155 -19.72 -26.04 -12.91
CA LEU D 155 -20.74 -25.02 -13.29
C LEU D 155 -20.19 -23.80 -14.06
N GLY D 156 -18.91 -23.84 -14.41
CA GLY D 156 -18.23 -22.63 -14.86
C GLY D 156 -18.27 -21.55 -13.77
N PHE D 157 -18.25 -20.29 -14.23
CA PHE D 157 -18.33 -19.08 -13.43
C PHE D 157 -19.63 -18.35 -13.79
N PRO D 158 -20.75 -18.80 -13.21
CA PRO D 158 -22.08 -18.21 -13.40
C PRO D 158 -22.20 -16.87 -12.71
N VAL D 159 -23.11 -16.05 -13.21
CA VAL D 159 -23.51 -14.78 -12.60
C VAL D 159 -25.04 -14.83 -12.36
N TYR D 160 -25.48 -14.54 -11.14
CA TYR D 160 -26.90 -14.64 -10.80
C TYR D 160 -27.48 -13.31 -10.32
N ASP D 161 -28.77 -13.11 -10.61
CA ASP D 161 -29.52 -12.02 -10.03
C ASP D 161 -29.89 -12.42 -8.61
N VAL D 162 -29.44 -11.62 -7.64
CA VAL D 162 -29.84 -11.81 -6.25
C VAL D 162 -30.51 -10.52 -5.82
N ASP D 163 -31.82 -10.60 -5.62
CA ASP D 163 -32.57 -9.38 -5.38
C ASP D 163 -32.22 -8.42 -6.49
N ALA D 164 -31.80 -7.21 -6.17
CA ALA D 164 -31.58 -6.29 -7.29
C ALA D 164 -30.14 -6.29 -7.87
N ALA D 165 -29.31 -7.24 -7.44
CA ALA D 165 -27.88 -7.19 -7.75
C ALA D 165 -27.49 -8.32 -8.66
N LYS D 166 -26.57 -8.07 -9.60
CA LYS D 166 -25.93 -9.11 -10.38
C LYS D 166 -24.68 -9.59 -9.67
N MET D 167 -24.75 -10.78 -9.09
CA MET D 167 -23.68 -11.32 -8.25
C MET D 167 -22.95 -12.54 -8.84
N GLY D 168 -21.63 -12.56 -8.73
CA GLY D 168 -20.87 -13.77 -9.04
C GLY D 168 -20.06 -14.24 -7.83
N MET D 169 -19.93 -15.56 -7.71
CA MET D 169 -19.07 -16.19 -6.70
C MET D 169 -17.68 -16.63 -7.20
N PHE D 170 -16.70 -16.56 -6.29
CA PHE D 170 -15.43 -17.29 -6.45
C PHE D 170 -15.20 -18.03 -5.14
N ILE D 171 -14.32 -19.03 -5.13
CA ILE D 171 -13.93 -19.63 -3.87
C ILE D 171 -12.41 -19.64 -3.67
N CYS D 172 -11.96 -19.16 -2.51
CA CYS D 172 -10.55 -19.19 -2.13
C CYS D 172 -9.55 -18.94 -3.26
N ASN D 173 -8.86 -19.98 -3.71
CA ASN D 173 -7.74 -19.82 -4.65
C ASN D 173 -8.19 -19.18 -5.99
N ASP D 174 -9.46 -19.31 -6.34
CA ASP D 174 -10.02 -18.65 -7.52
C ASP D 174 -9.72 -17.16 -7.58
N ARG D 175 -9.57 -16.49 -6.43
CA ARG D 175 -9.42 -15.04 -6.47
C ARG D 175 -8.15 -14.58 -7.16
N ARG D 176 -7.17 -15.48 -7.26
CA ARG D 176 -5.82 -15.19 -7.80
C ARG D 176 -5.64 -15.43 -9.31
N TRP D 177 -6.75 -15.77 -9.97
CA TRP D 177 -6.75 -16.02 -11.40
C TRP D 177 -7.58 -14.94 -12.04
N PRO D 178 -6.97 -14.13 -12.92
CA PRO D 178 -7.72 -13.05 -13.58
C PRO D 178 -8.88 -13.59 -14.40
N GLU D 179 -8.84 -14.86 -14.74
CA GLU D 179 -9.87 -15.43 -15.60
C GLU D 179 -11.18 -15.66 -14.82
N THR D 180 -11.04 -15.92 -13.52
CA THR D 180 -12.19 -16.05 -12.67
C THR D 180 -12.99 -14.75 -12.71
N TRP D 181 -12.27 -13.62 -12.59
CA TRP D 181 -12.90 -12.32 -12.52
C TRP D 181 -13.41 -11.87 -13.88
N ARG D 182 -12.68 -12.20 -14.93
CA ARG D 182 -12.95 -11.62 -16.22
C ARG D 182 -14.15 -12.26 -16.87
N VAL D 183 -14.31 -13.56 -16.68
CA VAL D 183 -15.53 -14.26 -17.14
C VAL D 183 -16.79 -13.68 -16.46
N MET D 184 -16.78 -13.57 -15.13
CA MET D 184 -17.90 -12.94 -14.44
C MET D 184 -18.04 -11.43 -14.78
N GLY D 185 -16.92 -10.76 -15.08
CA GLY D 185 -16.92 -9.34 -15.49
C GLY D 185 -17.65 -9.16 -16.81
N LEU D 186 -17.49 -10.17 -17.66
CA LEU D 186 -17.99 -10.10 -19.01
C LEU D 186 -19.47 -10.45 -18.98
N LYS D 187 -19.91 -11.11 -17.92
CA LYS D 187 -21.31 -11.42 -17.71
C LYS D 187 -21.98 -10.31 -16.91
N GLY D 188 -21.25 -9.22 -16.69
CA GLY D 188 -21.82 -8.02 -16.04
C GLY D 188 -22.01 -8.08 -14.53
N ALA D 189 -21.32 -9.01 -13.88
CA ALA D 189 -21.39 -9.12 -12.42
C ALA D 189 -21.10 -7.77 -11.80
N GLU D 190 -21.87 -7.41 -10.77
CA GLU D 190 -21.70 -6.12 -10.10
C GLU D 190 -21.06 -6.33 -8.73
N ILE D 191 -21.38 -7.46 -8.09
CA ILE D 191 -20.63 -7.93 -6.92
C ILE D 191 -20.05 -9.32 -7.12
N ILE D 192 -18.74 -9.44 -6.89
CA ILE D 192 -18.05 -10.70 -6.95
C ILE D 192 -17.60 -11.10 -5.55
N CYS D 193 -18.13 -12.19 -5.00
CA CYS D 193 -17.90 -12.45 -3.58
C CYS D 193 -17.62 -13.90 -3.23
N GLY D 194 -16.99 -14.14 -2.09
CA GLY D 194 -16.59 -15.50 -1.76
C GLY D 194 -15.71 -15.58 -0.53
N GLY D 195 -15.27 -16.78 -0.20
CA GLY D 195 -14.67 -17.05 1.10
C GLY D 195 -13.29 -17.63 0.94
N TYR D 196 -12.62 -17.91 2.05
CA TYR D 196 -11.28 -18.45 1.89
C TYR D 196 -10.67 -19.00 3.19
N ASN D 197 -9.82 -20.00 3.02
CA ASN D 197 -8.91 -20.49 4.04
C ASN D 197 -7.50 -20.40 3.46
N THR D 198 -6.76 -19.34 3.82
CA THR D 198 -5.41 -19.12 3.28
C THR D 198 -4.37 -19.16 4.39
N PRO D 199 -3.64 -20.28 4.50
CA PRO D 199 -2.61 -20.34 5.54
C PRO D 199 -1.56 -19.24 5.35
N THR D 200 -0.90 -18.83 6.42
CA THR D 200 0.15 -17.84 6.35
C THR D 200 1.53 -18.46 6.13
N HIS D 201 1.60 -19.80 6.07
CA HIS D 201 2.82 -20.52 5.67
C HIS D 201 2.55 -21.41 4.45
N ASN D 202 3.42 -21.33 3.46
CA ASN D 202 3.33 -22.19 2.28
C ASN D 202 4.59 -23.02 2.12
N PRO D 203 4.47 -24.34 2.36
CA PRO D 203 5.56 -25.34 2.36
C PRO D 203 6.46 -25.36 1.11
N PRO D 204 5.87 -25.33 -0.11
CA PRO D 204 6.71 -25.24 -1.33
C PRO D 204 7.55 -23.96 -1.43
N VAL D 205 6.95 -22.81 -1.16
CA VAL D 205 7.62 -21.52 -1.30
C VAL D 205 7.44 -20.66 -0.02
N PRO D 206 8.15 -21.02 1.08
CA PRO D 206 8.00 -20.34 2.40
C PRO D 206 8.61 -18.94 2.39
N GLN D 207 9.36 -18.63 1.34
CA GLN D 207 9.97 -17.32 1.23
C GLN D 207 8.99 -16.29 0.69
N HIS D 208 7.71 -16.67 0.54
CA HIS D 208 6.65 -15.71 0.28
C HIS D 208 5.67 -15.60 1.45
N ASP D 209 6.00 -16.18 2.62
CA ASP D 209 5.04 -16.14 3.75
C ASP D 209 4.75 -14.72 4.25
N HIS D 210 5.76 -13.84 4.15
CA HIS D 210 5.58 -12.48 4.65
C HIS D 210 4.77 -11.67 3.61
N LEU D 211 4.32 -12.35 2.55
CA LEU D 211 3.59 -11.66 1.50
C LEU D 211 2.17 -12.15 1.42
N THR D 212 1.78 -12.97 2.40
CA THR D 212 0.48 -13.63 2.35
C THR D 212 -0.65 -12.62 2.23
N SER D 213 -0.71 -11.67 3.15
CA SER D 213 -1.73 -10.61 3.09
C SER D 213 -1.59 -9.75 1.83
N PHE D 214 -0.38 -9.34 1.50
CA PHE D 214 -0.14 -8.62 0.25
C PHE D 214 -0.83 -9.25 -0.97
N HIS D 215 -0.57 -10.53 -1.23
CA HIS D 215 -1.13 -11.22 -2.39
C HIS D 215 -2.64 -11.38 -2.30
N HIS D 216 -3.15 -11.55 -1.10
CA HIS D 216 -4.59 -11.67 -0.93
C HIS D 216 -5.20 -10.34 -1.31
N LEU D 217 -4.68 -9.27 -0.71
CA LEU D 217 -5.21 -7.93 -0.99
C LEU D 217 -5.00 -7.49 -2.44
N LEU D 218 -3.79 -7.67 -2.96
CA LEU D 218 -3.50 -7.27 -4.32
C LEU D 218 -4.56 -7.85 -5.27
N SER D 219 -4.80 -9.16 -5.13
CA SER D 219 -5.74 -9.92 -5.98
C SER D 219 -7.16 -9.37 -6.03
N MET D 220 -7.69 -9.08 -4.86
CA MET D 220 -9.00 -8.50 -4.67
C MET D 220 -9.14 -7.11 -5.29
N GLN D 221 -8.27 -6.20 -4.86
CA GLN D 221 -8.29 -4.83 -5.36
C GLN D 221 -8.21 -4.81 -6.87
N CYS D 222 -7.25 -5.52 -7.43
CA CYS D 222 -7.04 -5.48 -8.87
C CYS D 222 -8.17 -6.17 -9.62
N GLY D 223 -8.69 -7.26 -9.08
CA GLY D 223 -9.84 -7.91 -9.68
C GLY D 223 -11.05 -6.98 -9.80
N SER D 224 -11.34 -6.25 -8.73
CA SER D 224 -12.35 -5.21 -8.71
C SER D 224 -12.08 -4.07 -9.71
N TYR D 225 -10.91 -3.43 -9.59
CA TYR D 225 -10.52 -2.35 -10.52
C TYR D 225 -10.72 -2.74 -11.98
N GLN D 226 -10.21 -3.89 -12.38
CA GLN D 226 -10.11 -4.15 -13.80
C GLN D 226 -11.44 -4.64 -14.39
N ASN D 227 -12.35 -5.08 -13.53
CA ASN D 227 -13.68 -5.50 -13.97
C ASN D 227 -14.82 -4.56 -13.56
N GLY D 228 -14.51 -3.49 -12.85
CA GLY D 228 -15.52 -2.55 -12.44
C GLY D 228 -16.48 -3.15 -11.43
N ALA D 229 -15.98 -4.07 -10.61
CA ALA D 229 -16.81 -4.87 -9.69
C ALA D 229 -16.60 -4.55 -8.19
N TRP D 230 -17.71 -4.42 -7.45
CA TRP D 230 -17.64 -4.51 -5.98
C TRP D 230 -17.23 -5.94 -5.62
N SER D 231 -16.41 -6.12 -4.57
CA SER D 231 -16.12 -7.47 -4.12
C SER D 231 -16.03 -7.59 -2.58
N ALA D 232 -16.04 -8.83 -2.10
CA ALA D 232 -15.93 -9.09 -0.68
C ALA D 232 -15.33 -10.47 -0.57
N ALA D 233 -14.34 -10.65 0.30
CA ALA D 233 -13.72 -11.97 0.50
C ALA D 233 -13.79 -12.33 1.96
N ALA D 234 -14.55 -13.39 2.29
CA ALA D 234 -14.75 -13.84 3.69
C ALA D 234 -13.81 -14.97 4.08
N GLY D 235 -12.92 -14.71 5.01
CA GLY D 235 -11.94 -15.71 5.34
C GLY D 235 -12.35 -16.42 6.59
N LYS D 236 -11.94 -17.68 6.73
CA LYS D 236 -11.97 -18.32 8.04
C LYS D 236 -10.53 -18.26 8.52
N VAL D 237 -10.34 -17.69 9.71
CA VAL D 237 -9.05 -17.10 10.06
C VAL D 237 -8.50 -17.58 11.38
N GLY D 238 -7.28 -17.18 11.73
CA GLY D 238 -6.74 -17.50 13.04
C GLY D 238 -6.14 -18.89 13.15
N MET D 239 -5.89 -19.34 14.38
CA MET D 239 -5.14 -20.58 14.62
C MET D 239 -6.07 -21.76 14.80
N GLU D 240 -6.09 -22.60 13.77
CA GLU D 240 -7.06 -23.69 13.69
C GLU D 240 -6.27 -24.99 13.60
N GLU D 241 -6.33 -25.79 14.67
CA GLU D 241 -5.70 -27.10 14.68
C GLU D 241 -4.25 -27.00 14.27
N GLY D 242 -3.53 -26.09 14.93
CA GLY D 242 -2.10 -25.95 14.71
C GLY D 242 -1.73 -25.06 13.55
N CYS D 243 -2.66 -24.86 12.63
CA CYS D 243 -2.40 -24.12 11.39
C CYS D 243 -2.90 -22.66 11.42
N MET D 244 -1.97 -21.71 11.27
CA MET D 244 -2.31 -20.29 11.24
C MET D 244 -2.93 -19.84 9.89
N LEU D 245 -4.16 -19.33 9.95
CA LEU D 245 -4.87 -18.85 8.76
C LEU D 245 -5.02 -17.33 8.70
N LEU D 246 -4.72 -16.76 7.52
CA LEU D 246 -4.78 -15.32 7.21
C LEU D 246 -6.10 -14.63 7.53
N GLY D 247 -6.00 -13.43 8.09
CA GLY D 247 -7.17 -12.58 8.36
C GLY D 247 -7.38 -11.64 7.18
N HIS D 248 -7.64 -10.35 7.46
CA HIS D 248 -7.83 -9.38 6.39
C HIS D 248 -9.00 -9.74 5.44
N SER D 249 -10.13 -10.18 5.99
CA SER D 249 -11.38 -10.19 5.21
C SER D 249 -11.66 -8.74 4.78
N CYS D 250 -12.09 -8.55 3.54
CA CYS D 250 -12.27 -7.23 2.98
C CYS D 250 -13.57 -7.11 2.16
N ILE D 251 -14.15 -5.90 2.14
CA ILE D 251 -15.01 -5.47 1.05
C ILE D 251 -14.24 -4.47 0.20
N VAL D 252 -14.45 -4.51 -1.13
CA VAL D 252 -13.70 -3.71 -2.10
C VAL D 252 -14.63 -3.04 -3.09
N ALA D 253 -14.37 -1.77 -3.37
CA ALA D 253 -15.06 -0.96 -4.34
C ALA D 253 -14.59 -1.24 -5.76
N PRO D 254 -15.43 -0.91 -6.77
CA PRO D 254 -15.09 -1.16 -8.17
C PRO D 254 -13.86 -0.44 -8.67
N THR D 255 -13.35 0.50 -7.86
CA THR D 255 -12.14 1.23 -8.18
C THR D 255 -10.93 0.50 -7.57
N GLY D 256 -11.19 -0.51 -6.76
CA GLY D 256 -10.13 -1.32 -6.19
C GLY D 256 -9.70 -0.86 -4.81
N GLU D 257 -10.40 0.15 -4.30
CA GLU D 257 -10.19 0.66 -2.95
C GLU D 257 -10.81 -0.30 -1.93
N ILE D 258 -10.07 -0.62 -0.87
CA ILE D 258 -10.64 -1.43 0.23
C ILE D 258 -11.45 -0.53 1.16
N VAL D 259 -12.76 -0.72 1.18
CA VAL D 259 -13.66 0.14 1.93
C VAL D 259 -14.09 -0.49 3.26
N ALA D 260 -13.57 -1.67 3.56
CA ALA D 260 -13.78 -2.31 4.87
C ALA D 260 -12.80 -3.48 5.05
N LEU D 261 -12.28 -3.64 6.26
CA LEU D 261 -11.27 -4.66 6.51
C LEU D 261 -11.35 -5.14 7.96
N THR D 262 -11.26 -6.45 8.18
CA THR D 262 -11.27 -6.96 9.54
C THR D 262 -9.89 -6.79 10.19
N THR D 263 -9.85 -6.64 11.51
CA THR D 263 -8.58 -6.55 12.20
C THR D 263 -8.35 -7.65 13.20
N THR D 264 -9.42 -8.37 13.57
CA THR D 264 -9.27 -9.50 14.49
C THR D 264 -9.02 -10.79 13.74
N LEU D 265 -8.72 -11.83 14.49
CA LEU D 265 -8.62 -13.18 13.95
C LEU D 265 -9.72 -14.05 14.57
N GLU D 266 -10.92 -13.45 14.71
CA GLU D 266 -12.08 -14.12 15.31
C GLU D 266 -13.38 -13.85 14.54
N ASP D 267 -14.49 -14.42 14.99
CA ASP D 267 -15.75 -14.11 14.34
C ASP D 267 -15.91 -12.60 14.31
N GLU D 268 -16.01 -12.02 13.11
CA GLU D 268 -16.04 -10.57 12.98
C GLU D 268 -16.86 -10.10 11.77
N VAL D 269 -17.71 -9.08 11.97
CA VAL D 269 -18.55 -8.59 10.88
C VAL D 269 -18.08 -7.24 10.38
N ILE D 270 -17.82 -7.12 9.08
CA ILE D 270 -17.52 -5.81 8.51
C ILE D 270 -18.57 -5.48 7.49
N THR D 271 -18.81 -4.19 7.27
CA THR D 271 -19.90 -3.74 6.39
C THR D 271 -19.47 -2.53 5.56
N ALA D 272 -20.19 -2.29 4.47
CA ALA D 272 -19.94 -1.18 3.59
C ALA D 272 -21.16 -0.97 2.73
N ALA D 273 -21.50 0.29 2.49
CA ALA D 273 -22.51 0.66 1.51
C ALA D 273 -22.04 0.42 0.07
N LEU D 274 -22.86 -0.27 -0.72
CA LEU D 274 -22.58 -0.48 -2.13
C LEU D 274 -23.65 0.20 -2.94
N ASP D 275 -23.23 0.76 -4.06
CA ASP D 275 -24.08 1.44 -5.00
C ASP D 275 -23.75 0.81 -6.36
N LEU D 276 -24.64 -0.05 -6.84
CA LEU D 276 -24.36 -0.83 -8.04
C LEU D 276 -24.05 0.00 -9.28
N ASP D 277 -24.42 1.28 -9.25
CA ASP D 277 -24.16 2.19 -10.37
C ASP D 277 -22.74 2.74 -10.39
N ARG D 278 -21.96 2.41 -9.37
CA ARG D 278 -20.59 2.91 -9.31
C ARG D 278 -19.70 2.18 -10.29
N CYS D 279 -20.07 0.94 -10.62
CA CYS D 279 -19.35 0.14 -11.61
C CYS D 279 -19.25 0.90 -12.92
N ARG D 280 -20.28 1.68 -13.22
CA ARG D 280 -20.30 2.53 -14.42
C ARG D 280 -19.05 3.39 -14.62
N GLU D 281 -18.43 3.82 -13.51
CA GLU D 281 -17.27 4.72 -13.57
C GLU D 281 -16.12 4.06 -14.32
N LEU D 282 -16.07 2.73 -14.24
CA LEU D 282 -15.08 1.97 -14.97
C LEU D 282 -15.69 1.34 -16.23
N ARG D 283 -16.88 0.75 -16.09
CA ARG D 283 -17.44 -0.01 -17.20
C ARG D 283 -17.95 0.85 -18.36
N GLU D 284 -18.16 2.13 -18.12
CA GLU D 284 -18.62 3.03 -19.19
C GLU D 284 -17.49 3.90 -19.72
N HIS D 285 -16.30 3.71 -19.17
CA HIS D 285 -15.19 4.61 -19.49
C HIS D 285 -13.88 3.87 -19.78
N ILE D 286 -12.95 3.87 -18.82
CA ILE D 286 -11.61 3.32 -19.06
C ILE D 286 -11.70 1.84 -19.43
N PHE D 287 -12.69 1.16 -18.83
CA PHE D 287 -12.93 -0.25 -19.06
C PHE D 287 -14.29 -0.50 -19.72
N ASN D 288 -14.64 0.36 -20.67
CA ASN D 288 -15.76 0.07 -21.56
C ASN D 288 -15.35 -1.08 -22.48
N PHE D 289 -15.66 -2.31 -22.05
CA PHE D 289 -15.25 -3.53 -22.77
C PHE D 289 -15.53 -3.49 -24.28
N LYS D 290 -16.76 -3.17 -24.65
CA LYS D 290 -17.14 -3.14 -26.07
C LYS D 290 -16.37 -2.06 -26.82
N ALA D 291 -16.30 -0.88 -26.23
CA ALA D 291 -15.47 0.18 -26.75
C ALA D 291 -13.99 -0.25 -26.91
N HIS D 292 -13.44 -0.99 -25.95
CA HIS D 292 -11.98 -1.14 -25.92
C HIS D 292 -11.38 -2.53 -26.15
N ARG D 293 -12.11 -3.60 -25.82
CA ARG D 293 -11.47 -4.93 -25.85
C ARG D 293 -11.20 -5.38 -27.28
N GLN D 294 -10.20 -6.24 -27.45
CA GLN D 294 -9.84 -6.72 -28.79
C GLN D 294 -9.66 -8.24 -28.74
N PRO D 295 -10.75 -8.96 -28.45
CA PRO D 295 -10.67 -10.39 -28.21
C PRO D 295 -10.03 -11.22 -29.35
N GLN D 296 -9.89 -10.66 -30.56
CA GLN D 296 -9.25 -11.44 -31.61
C GLN D 296 -7.84 -11.85 -31.18
N HIS D 297 -7.20 -11.00 -30.36
CA HIS D 297 -5.85 -11.23 -29.88
C HIS D 297 -5.75 -12.01 -28.57
N TYR D 298 -6.90 -12.33 -27.96
CA TYR D 298 -6.95 -13.04 -26.67
C TYR D 298 -7.08 -14.56 -26.80
N GLY D 299 -6.89 -15.08 -28.01
CA GLY D 299 -7.14 -16.50 -28.28
C GLY D 299 -6.38 -17.48 -27.41
N LEU D 300 -5.10 -17.19 -27.19
CA LEU D 300 -4.25 -18.08 -26.36
C LEU D 300 -4.85 -18.39 -24.97
N ILE D 301 -5.68 -17.48 -24.45
CA ILE D 301 -6.20 -17.60 -23.09
C ILE D 301 -7.25 -18.72 -23.05
N ALA D 302 -7.94 -18.88 -24.17
CA ALA D 302 -8.97 -19.90 -24.34
C ALA D 302 -8.49 -21.28 -24.78
N GLU D 303 -7.23 -21.43 -25.17
CA GLU D 303 -6.75 -22.69 -25.71
C GLU D 303 -6.49 -23.71 -24.62
N PHE D 304 -6.74 -24.99 -24.91
CA PHE D 304 -6.49 -26.07 -23.93
C PHE D 304 -6.16 -27.39 -24.61
#